data_4LIX
#
_entry.id   4LIX
#
_cell.length_a   130.177
_cell.length_b   51.393
_cell.length_c   114.308
_cell.angle_alpha   90.00
_cell.angle_beta   90.00
_cell.angle_gamma   90.00
#
_symmetry.space_group_name_H-M   'P 21 21 21'
#
loop_
_entity.id
_entity.type
_entity.pdbx_description
1 polymer 'Ent-copalyl diphosphate synthase, chloroplastic'
2 non-polymer 'S-[(2E,6E,10E)-14-(dimethylamino)-3,7,11-trimethyltetradeca-2,6,10-trien-1-yl] trihydrogen thiodiphosphate'
3 non-polymer 'PHOSPHATE ION'
4 non-polymer GLYCEROL
5 water water
#
_entity_poly.entity_id   1
_entity_poly.type   'polypeptide(L)'
_entity_poly.pdbx_seq_one_letter_code
;MISVGSNSNAFKEAVKSVKTILRNLTDGEITISAYDTAWVALIDAGDKTPAFPSAVKWIAENQLSDGSWGDAYLFSYHDR
LINTLACVVALRSWNLFPHQCNKGITFFRENIGKLEDENDEHMPIGFEVAFPSLLEIARGINIDVPYDSPVLKDIYAKKE
LKLTRIPKEIMHKIPTTLLHSLEGMRDLDWEKLLKLQSQDGSFLFSPSSTAFAFMQTRDSNCLEYLRNAVKRFNGGVPNV
FPVDLFEHIWIVDRLQRLGISRYFEEEIKECLDYVHRYWTDNGICWARCSHVQDIDDTAMAFRLLRQHGYQVSADVFKNF
EKEGEFF(CSO)FVGQSNQAVTGMFNLYRASQLAFPREEILKNAKEFSYNYLLEKREREELIDKWIIMKDLPGEIGFALE
IPWYASLPRVETRFYIDQYGGENDVWIGKTLYRMPYVNNNGYLELAKQDYNNCQAQHQLEWDIFQKWYEENRLSEWGVRR
SELLECYYLAAATIFESERSHERMVWAKSSVLVKAISSSFGESSDSRRSFSDQFHEYIANARRSDHHFNDRNMRLDRPGS
VQASRLAGVLIGTLNQMSFDLFMSHGRDVNNLLYLSWGDWMEKWKLYGDEGEGELMVKMIILMKNNDLTNFFTHTHFVRL
AEIINRICLPRQYLKARRNDEKEKTIKSMEKEMGKMVELALSESDTFRDVSITFLDVAKAFYYFALCGDHLQTHISKVLF
QKVGSHHHHHH
;
_entity_poly.pdbx_strand_id   A
#
loop_
_chem_comp.id
_chem_comp.type
_chem_comp.name
_chem_comp.formula
AG8 non-polymer 'S-[(2E,6E,10E)-14-(dimethylamino)-3,7,11-trimethyltetradeca-2,6,10-trien-1-yl] trihydrogen thiodiphosphate' 'C19 H37 N O6 P2 S'
GOL non-polymer GLYCEROL 'C3 H8 O3'
PO4 non-polymer 'PHOSPHATE ION' 'O4 P -3'
#
# COMPACT_ATOMS: atom_id res chain seq x y z
N ASN A 7 -21.00 8.66 -11.60
CA ASN A 7 -21.57 9.52 -10.58
C ASN A 7 -23.04 9.21 -10.36
N SER A 8 -23.41 7.93 -10.40
CA SER A 8 -24.77 7.55 -9.99
C SER A 8 -24.98 7.96 -8.54
N ASN A 9 -26.22 7.92 -8.09
CA ASN A 9 -26.48 8.22 -6.68
C ASN A 9 -25.86 7.16 -5.80
N ALA A 10 -25.94 5.91 -6.23
CA ALA A 10 -25.38 4.82 -5.44
C ALA A 10 -23.87 4.97 -5.29
N PHE A 11 -23.23 5.40 -6.37
CA PHE A 11 -21.79 5.63 -6.35
C PHE A 11 -21.46 6.72 -5.36
N LYS A 12 -22.22 7.82 -5.40
CA LYS A 12 -21.95 8.93 -4.49
C LYS A 12 -22.19 8.52 -3.05
N GLU A 13 -23.17 7.67 -2.82
CA GLU A 13 -23.43 7.24 -1.45
C GLU A 13 -22.31 6.35 -0.95
N ALA A 14 -21.77 5.51 -1.84
CA ALA A 14 -20.61 4.66 -1.49
C ALA A 14 -19.39 5.50 -1.11
N VAL A 15 -19.14 6.56 -1.87
CA VAL A 15 -18.07 7.48 -1.55
C VAL A 15 -18.32 8.09 -0.18
N LYS A 16 -19.55 8.54 0.08
CA LYS A 16 -19.85 9.13 1.38
C LYS A 16 -19.64 8.11 2.51
N SER A 17 -19.91 6.82 2.24
CA SER A 17 -19.68 5.83 3.28
C SER A 17 -18.19 5.65 3.61
N VAL A 18 -17.35 5.66 2.59
CA VAL A 18 -15.88 5.59 2.82
C VAL A 18 -15.41 6.85 3.54
N LYS A 19 -15.92 8.02 3.18
CA LYS A 19 -15.53 9.21 3.95
C LYS A 19 -15.89 9.14 5.42
N THR A 20 -17.05 8.59 5.75
CA THR A 20 -17.49 8.44 7.13
C THR A 20 -16.48 7.54 7.87
N ILE A 21 -16.08 6.45 7.22
CA ILE A 21 -15.00 5.63 7.80
C ILE A 21 -13.73 6.41 8.13
N LEU A 22 -13.23 7.12 7.15
CA LEU A 22 -12.02 7.89 7.27
C LEU A 22 -12.09 8.95 8.36
N ARG A 23 -13.24 9.65 8.45
CA ARG A 23 -13.40 10.70 9.46
C ARG A 23 -13.41 10.15 10.85
N ASN A 24 -13.92 8.92 11.00
CA ASN A 24 -14.17 8.35 12.30
C ASN A 24 -13.12 7.37 12.80
N LEU A 25 -11.98 7.24 12.11
CA LEU A 25 -10.94 6.32 12.59
C LEU A 25 -10.47 6.75 13.95
N THR A 26 -10.27 5.78 14.83
CA THR A 26 -9.67 6.06 16.14
C THR A 26 -8.49 5.11 16.38
N ASP A 27 -8.61 4.23 17.36
CA ASP A 27 -7.45 3.41 17.71
C ASP A 27 -7.36 2.08 16.96
N GLY A 28 -8.30 1.86 16.07
CA GLY A 28 -8.23 0.74 15.15
C GLY A 28 -9.48 -0.09 15.19
N GLU A 29 -9.91 -0.53 14.01
CA GLU A 29 -11.04 -1.42 13.91
C GLU A 29 -10.39 -2.76 13.59
N ILE A 30 -10.38 -3.58 14.62
CA ILE A 30 -9.63 -4.84 14.58
C ILE A 30 -10.54 -5.87 15.29
N THR A 31 -10.54 -7.11 14.84
CA THR A 31 -11.41 -8.09 15.40
C THR A 31 -10.87 -8.58 16.75
N ILE A 32 -11.77 -9.23 17.51
CA ILE A 32 -11.49 -9.68 18.87
C ILE A 32 -10.73 -11.00 18.81
N SER A 33 -9.79 -11.13 19.74
CA SER A 33 -9.02 -12.37 19.90
C SER A 33 -9.56 -13.11 21.08
N ALA A 34 -10.07 -14.32 20.88
CA ALA A 34 -10.61 -15.05 22.03
C ALA A 34 -9.55 -15.42 23.05
N TYR A 35 -8.33 -15.76 22.55
CA TYR A 35 -7.21 -16.03 23.44
C TYR A 35 -6.94 -14.84 24.34
N ASP A 36 -6.88 -13.65 23.75
CA ASP A 36 -6.57 -12.49 24.59
C ASP A 36 -7.71 -12.17 25.54
N THR A 37 -8.94 -12.35 25.10
CA THR A 37 -10.09 -12.08 25.95
C THR A 37 -10.08 -13.07 27.14
N ALA A 38 -9.65 -14.31 26.86
CA ALA A 38 -9.59 -15.30 27.95
C ALA A 38 -8.55 -14.91 29.00
N TRP A 39 -7.40 -14.37 28.60
CA TRP A 39 -6.42 -13.92 29.56
C TRP A 39 -6.96 -12.75 30.39
N VAL A 40 -7.68 -11.84 29.76
CA VAL A 40 -8.34 -10.75 30.49
C VAL A 40 -9.38 -11.29 31.47
N ALA A 41 -10.14 -12.28 31.03
CA ALA A 41 -11.21 -12.87 31.83
C ALA A 41 -10.63 -13.60 33.03
N LEU A 42 -9.37 -14.07 32.97
CA LEU A 42 -8.76 -14.76 34.12
C LEU A 42 -8.44 -13.83 35.30
N ILE A 43 -8.40 -12.52 35.10
CA ILE A 43 -7.91 -11.62 36.15
C ILE A 43 -8.95 -11.63 37.29
N ASP A 44 -8.43 -11.69 38.53
CA ASP A 44 -9.23 -11.67 39.76
C ASP A 44 -9.34 -10.22 40.20
N ALA A 45 -10.55 -9.76 40.48
CA ALA A 45 -10.79 -8.39 40.92
C ALA A 45 -10.16 -8.12 42.27
N GLY A 46 -9.99 -9.18 43.02
CA GLY A 46 -9.35 -9.11 44.33
C GLY A 46 -10.17 -9.84 45.36
N ASP A 47 -11.41 -10.17 44.99
CA ASP A 47 -12.35 -10.83 45.91
C ASP A 47 -12.82 -12.18 45.36
N LYS A 48 -11.95 -12.84 44.60
CA LYS A 48 -12.29 -14.07 43.94
C LYS A 48 -13.50 -14.01 43.01
N THR A 49 -13.62 -12.91 42.25
CA THR A 49 -14.59 -12.79 41.17
C THR A 49 -13.84 -12.14 40.00
N PRO A 50 -14.31 -12.36 38.78
CA PRO A 50 -13.57 -11.73 37.66
C PRO A 50 -13.52 -10.22 37.76
N ALA A 51 -12.35 -9.64 37.49
CA ALA A 51 -12.25 -8.22 37.29
C ALA A 51 -13.10 -7.70 36.11
N PHE A 52 -13.18 -8.51 35.05
CA PHE A 52 -13.88 -8.10 33.86
C PHE A 52 -14.98 -9.07 33.50
N PRO A 53 -16.12 -9.00 34.20
CA PRO A 53 -17.19 -9.93 33.90
C PRO A 53 -17.63 -9.82 32.43
N SER A 54 -17.47 -8.67 31.79
CA SER A 54 -17.91 -8.59 30.40
C SER A 54 -17.01 -9.38 29.42
N ALA A 55 -15.77 -9.69 29.85
CA ALA A 55 -14.88 -10.51 29.04
C ALA A 55 -15.31 -11.97 29.15
N VAL A 56 -15.70 -12.39 30.37
CA VAL A 56 -16.23 -13.75 30.49
C VAL A 56 -17.52 -13.89 29.66
N LYS A 57 -18.39 -12.87 29.71
CA LYS A 57 -19.61 -12.93 28.90
C LYS A 57 -19.30 -12.97 27.40
N TRP A 58 -18.31 -12.18 26.96
CA TRP A 58 -17.97 -12.19 25.55
C TRP A 58 -17.62 -13.61 25.13
N ILE A 59 -16.75 -14.23 25.90
CA ILE A 59 -16.37 -15.60 25.61
C ILE A 59 -17.58 -16.50 25.44
N ALA A 60 -18.45 -16.49 26.44
CA ALA A 60 -19.57 -17.42 26.37
C ALA A 60 -20.49 -17.11 25.20
N GLU A 61 -20.66 -15.82 24.87
CA GLU A 61 -21.52 -15.42 23.77
C GLU A 61 -20.99 -15.69 22.37
N ASN A 62 -19.67 -15.77 22.23
CA ASN A 62 -19.04 -15.82 20.90
C ASN A 62 -18.38 -17.13 20.53
N GLN A 63 -18.73 -18.19 21.26
CA GLN A 63 -18.35 -19.53 20.85
C GLN A 63 -18.97 -19.85 19.49
N LEU A 64 -18.23 -20.57 18.65
CA LEU A 64 -18.72 -20.95 17.35
C LEU A 64 -19.58 -22.21 17.48
N SER A 65 -20.36 -22.52 16.45
CA SER A 65 -21.38 -23.54 16.66
C SER A 65 -20.76 -24.93 16.85
N ASP A 66 -19.54 -25.13 16.33
CA ASP A 66 -18.86 -26.42 16.56
C ASP A 66 -18.16 -26.57 17.91
N GLY A 67 -18.31 -25.56 18.76
CA GLY A 67 -17.72 -25.56 20.07
C GLY A 67 -16.36 -24.88 20.20
N SER A 68 -15.77 -24.53 19.06
CA SER A 68 -14.47 -23.82 19.09
C SER A 68 -14.67 -22.33 19.21
N TRP A 69 -13.55 -21.63 19.38
CA TRP A 69 -13.51 -20.18 19.17
C TRP A 69 -12.40 -19.89 18.20
N GLY A 70 -12.54 -18.78 17.50
CA GLY A 70 -11.51 -18.35 16.56
C GLY A 70 -12.16 -17.72 15.35
N ASP A 71 -11.38 -17.70 14.26
CA ASP A 71 -11.86 -17.09 13.03
C ASP A 71 -12.89 -17.98 12.34
N ALA A 72 -14.11 -17.48 12.24
CA ALA A 72 -15.17 -18.31 11.72
C ALA A 72 -15.04 -18.63 10.24
N TYR A 73 -14.34 -17.79 9.50
CA TYR A 73 -14.35 -17.94 8.05
C TYR A 73 -13.08 -18.50 7.47
N LEU A 74 -12.05 -18.64 8.30
CA LEU A 74 -10.82 -19.28 7.87
C LEU A 74 -10.52 -20.25 8.99
N PHE A 75 -10.77 -21.53 8.75
CA PHE A 75 -10.51 -22.53 9.76
C PHE A 75 -9.05 -22.85 9.75
N SER A 76 -8.42 -22.77 10.92
CA SER A 76 -7.05 -23.19 11.13
C SER A 76 -7.05 -24.00 12.43
N TYR A 77 -6.49 -25.20 12.40
CA TYR A 77 -6.40 -25.99 13.65
C TYR A 77 -5.62 -25.29 14.72
N HIS A 78 -4.53 -24.63 14.36
CA HIS A 78 -3.75 -23.94 15.37
C HIS A 78 -4.59 -22.84 16.00
N ASP A 79 -5.27 -22.05 15.15
CA ASP A 79 -6.06 -20.92 15.68
C ASP A 79 -7.22 -21.43 16.54
N ARG A 80 -7.96 -22.39 16.00
CA ARG A 80 -9.08 -22.92 16.77
C ARG A 80 -8.66 -23.56 18.10
N LEU A 81 -7.56 -24.31 18.09
CA LEU A 81 -7.21 -25.03 19.30
C LEU A 81 -6.64 -24.13 20.38
N ILE A 82 -5.83 -23.14 20.02
CA ILE A 82 -5.34 -22.27 21.08
C ILE A 82 -6.43 -21.33 21.62
N ASN A 83 -7.29 -20.81 20.75
CA ASN A 83 -8.39 -19.98 21.27
C ASN A 83 -9.35 -20.81 22.11
N THR A 84 -9.62 -22.05 21.72
CA THR A 84 -10.63 -22.86 22.44
C THR A 84 -10.07 -23.26 23.78
N LEU A 85 -8.82 -23.69 23.82
CA LEU A 85 -8.22 -24.04 25.11
C LEU A 85 -8.20 -22.84 26.05
N ALA A 86 -7.85 -21.65 25.53
CA ALA A 86 -7.84 -20.51 26.43
C ALA A 86 -9.22 -20.21 27.00
N CYS A 87 -10.23 -20.26 26.14
CA CYS A 87 -11.58 -19.93 26.62
C CYS A 87 -12.09 -20.96 27.62
N VAL A 88 -11.83 -22.25 27.37
CA VAL A 88 -12.22 -23.27 28.36
C VAL A 88 -11.52 -23.01 29.68
N VAL A 89 -10.22 -22.68 29.67
CA VAL A 89 -9.52 -22.37 30.92
C VAL A 89 -10.19 -21.19 31.64
N ALA A 90 -10.54 -20.13 30.90
CA ALA A 90 -11.15 -18.97 31.53
C ALA A 90 -12.49 -19.31 32.18
N LEU A 91 -13.32 -20.01 31.44
CA LEU A 91 -14.66 -20.37 31.97
C LEU A 91 -14.57 -21.31 33.14
N ARG A 92 -13.73 -22.33 33.02
CA ARG A 92 -13.64 -23.32 34.10
C ARG A 92 -12.99 -22.72 35.35
N SER A 93 -12.10 -21.76 35.18
CA SER A 93 -11.43 -21.12 36.31
C SER A 93 -12.41 -20.40 37.20
N TRP A 94 -13.52 -19.95 36.64
CA TRP A 94 -14.54 -19.28 37.43
C TRP A 94 -15.79 -20.13 37.66
N ASN A 95 -15.77 -21.33 37.11
CA ASN A 95 -16.97 -22.19 37.13
C ASN A 95 -18.21 -21.51 36.56
N LEU A 96 -18.05 -20.87 35.40
CA LEU A 96 -19.13 -20.16 34.75
C LEU A 96 -19.41 -20.77 33.38
N PHE A 97 -20.62 -20.57 32.88
CA PHE A 97 -21.01 -21.02 31.55
C PHE A 97 -20.55 -22.44 31.23
N PRO A 98 -20.99 -23.43 32.00
CA PRO A 98 -20.52 -24.80 31.77
C PRO A 98 -21.00 -25.39 30.44
N HIS A 99 -22.13 -24.94 29.90
CA HIS A 99 -22.60 -25.46 28.62
C HIS A 99 -21.53 -25.15 27.56
N GLN A 100 -21.06 -23.92 27.56
CA GLN A 100 -20.06 -23.52 26.56
C GLN A 100 -18.74 -24.21 26.88
N CYS A 101 -18.35 -24.21 28.15
CA CYS A 101 -17.10 -24.82 28.54
C CYS A 101 -17.02 -26.29 28.11
N ASN A 102 -18.07 -27.07 28.35
CA ASN A 102 -18.04 -28.44 27.94
C ASN A 102 -18.04 -28.68 26.42
N LYS A 103 -18.74 -27.84 25.67
CA LYS A 103 -18.70 -27.94 24.22
C LYS A 103 -17.28 -27.64 23.71
N GLY A 104 -16.59 -26.76 24.40
CA GLY A 104 -15.21 -26.44 24.01
C GLY A 104 -14.25 -27.58 24.30
N ILE A 105 -14.45 -28.23 25.45
CA ILE A 105 -13.67 -29.43 25.79
C ILE A 105 -13.89 -30.53 24.77
N THR A 106 -15.14 -30.73 24.35
CA THR A 106 -15.45 -31.69 23.29
C THR A 106 -14.73 -31.35 21.99
N PHE A 107 -14.79 -30.07 21.56
CA PHE A 107 -14.05 -29.70 20.36
C PHE A 107 -12.57 -30.01 20.51
N PHE A 108 -12.02 -29.65 21.65
CA PHE A 108 -10.58 -29.87 21.81
C PHE A 108 -10.23 -31.35 21.76
N ARG A 109 -11.00 -32.18 22.46
CA ARG A 109 -10.74 -33.63 22.42
C ARG A 109 -10.81 -34.20 21.05
N GLU A 110 -11.78 -33.76 20.26
CA GLU A 110 -11.98 -34.29 18.92
C GLU A 110 -11.04 -33.80 17.82
N ASN A 111 -10.34 -32.70 18.10
CA ASN A 111 -9.52 -32.09 17.08
C ASN A 111 -8.05 -31.92 17.40
N ILE A 112 -7.65 -32.12 18.65
CA ILE A 112 -6.26 -31.92 19.05
C ILE A 112 -5.31 -32.80 18.20
N GLY A 113 -5.71 -34.02 17.91
CA GLY A 113 -4.88 -34.88 17.07
C GLY A 113 -4.69 -34.41 15.65
N LYS A 114 -5.50 -33.43 15.25
CA LYS A 114 -5.44 -32.89 13.87
C LYS A 114 -4.56 -31.65 13.77
N LEU A 115 -3.88 -31.31 14.85
CA LEU A 115 -3.14 -30.04 14.88
C LEU A 115 -2.23 -29.84 13.71
N GLU A 116 -1.57 -30.90 13.25
CA GLU A 116 -0.57 -30.79 12.19
C GLU A 116 -1.07 -31.31 10.85
N ASP A 117 -2.39 -31.39 10.68
CA ASP A 117 -2.94 -31.97 9.47
C ASP A 117 -2.85 -31.04 8.25
N GLU A 118 -2.82 -29.74 8.47
CA GLU A 118 -2.81 -28.85 7.30
C GLU A 118 -1.39 -28.42 6.92
N ASN A 119 -1.00 -28.81 5.72
CA ASN A 119 0.34 -28.58 5.21
C ASN A 119 0.77 -27.10 5.24
N ASP A 120 -0.08 -26.23 4.71
CA ASP A 120 0.33 -24.84 4.52
C ASP A 120 -0.25 -23.90 5.59
N GLU A 121 -0.76 -24.48 6.67
CA GLU A 121 -1.37 -23.71 7.76
C GLU A 121 -0.31 -22.79 8.35
N HIS A 122 -0.66 -21.52 8.54
CA HIS A 122 0.30 -20.55 9.08
C HIS A 122 0.30 -20.70 10.60
N MET A 123 1.46 -20.50 11.20
CA MET A 123 1.63 -20.70 12.66
C MET A 123 1.39 -19.37 13.35
N PRO A 124 0.41 -19.33 14.27
CA PRO A 124 0.16 -18.09 15.04
C PRO A 124 1.41 -17.69 15.75
N ILE A 125 1.59 -16.39 15.95
CA ILE A 125 2.84 -15.93 16.54
C ILE A 125 3.00 -16.37 17.99
N GLY A 126 4.10 -17.06 18.30
CA GLY A 126 4.37 -17.44 19.66
C GLY A 126 3.67 -18.74 20.09
N PHE A 127 3.06 -19.44 19.13
CA PHE A 127 2.24 -20.61 19.45
C PHE A 127 3.02 -21.66 20.25
N GLU A 128 4.25 -21.86 19.86
CA GLU A 128 4.99 -22.97 20.46
C GLU A 128 5.37 -22.73 21.91
N VAL A 129 5.38 -21.47 22.37
CA VAL A 129 5.48 -21.21 23.81
C VAL A 129 4.09 -21.08 24.45
N ALA A 130 3.19 -20.36 23.77
CA ALA A 130 1.89 -20.03 24.39
C ALA A 130 1.00 -21.26 24.59
N PHE A 131 1.00 -22.15 23.62
CA PHE A 131 0.11 -23.31 23.73
C PHE A 131 0.45 -24.27 24.89
N PRO A 132 1.71 -24.72 25.01
CA PRO A 132 2.03 -25.54 26.19
C PRO A 132 1.82 -24.84 27.52
N SER A 133 2.04 -23.53 27.54
CA SER A 133 1.74 -22.77 28.74
C SER A 133 0.27 -22.86 29.15
N LEU A 134 -0.64 -22.78 28.19
CA LEU A 134 -2.06 -22.86 28.53
C LEU A 134 -2.37 -24.29 28.98
N LEU A 135 -1.72 -25.26 28.37
CA LEU A 135 -2.00 -26.64 28.74
C LEU A 135 -1.64 -26.89 30.19
N GLU A 136 -0.53 -26.29 30.64
CA GLU A 136 -0.17 -26.46 32.03
C GLU A 136 -1.16 -25.77 32.97
N ILE A 137 -1.70 -24.61 32.58
CA ILE A 137 -2.76 -24.02 33.41
C ILE A 137 -3.99 -24.94 33.47
N ALA A 138 -4.38 -25.46 32.32
CA ALA A 138 -5.54 -26.32 32.23
C ALA A 138 -5.33 -27.56 33.13
N ARG A 139 -4.15 -28.12 33.07
CA ARG A 139 -3.91 -29.35 33.88
C ARG A 139 -3.99 -28.99 35.37
N GLY A 140 -3.54 -27.80 35.71
CA GLY A 140 -3.60 -27.30 37.09
C GLY A 140 -5.00 -27.19 37.66
N ILE A 141 -5.99 -26.97 36.79
CA ILE A 141 -7.36 -26.88 37.26
C ILE A 141 -8.16 -28.06 36.82
N ASN A 142 -7.45 -29.14 36.49
CA ASN A 142 -8.05 -30.45 36.31
C ASN A 142 -9.03 -30.54 35.15
N ILE A 143 -8.76 -29.81 34.06
CA ILE A 143 -9.60 -29.96 32.87
C ILE A 143 -9.26 -31.29 32.18
N ASP A 144 -10.28 -32.06 31.85
CA ASP A 144 -10.06 -33.37 31.24
C ASP A 144 -9.98 -33.20 29.72
N VAL A 145 -8.78 -32.88 29.22
CA VAL A 145 -8.47 -32.98 27.79
C VAL A 145 -7.24 -33.92 27.67
N PRO A 146 -6.95 -34.46 26.46
CA PRO A 146 -5.83 -35.40 26.26
C PRO A 146 -4.46 -34.69 26.28
N TYR A 147 -3.87 -34.45 27.45
CA TYR A 147 -2.57 -33.82 27.55
C TYR A 147 -1.52 -34.70 26.91
N ASP A 148 -1.84 -35.98 26.81
CA ASP A 148 -0.86 -36.90 26.23
C ASP A 148 -1.09 -37.17 24.74
N SER A 149 -1.91 -36.37 24.08
CA SER A 149 -2.09 -36.55 22.65
C SER A 149 -0.71 -36.64 21.95
N PRO A 150 -0.53 -37.64 21.05
CA PRO A 150 0.81 -37.82 20.47
C PRO A 150 1.38 -36.61 19.75
N VAL A 151 0.51 -35.83 19.14
CA VAL A 151 1.01 -34.66 18.42
C VAL A 151 1.65 -33.65 19.38
N LEU A 152 1.41 -33.76 20.68
CA LEU A 152 1.92 -32.77 21.65
C LEU A 152 3.34 -33.01 22.22
N LYS A 153 3.93 -34.15 21.90
CA LYS A 153 5.32 -34.40 22.31
C LYS A 153 6.31 -33.34 21.72
N ASP A 154 6.18 -33.03 20.44
CA ASP A 154 7.17 -32.16 19.78
C ASP A 154 6.97 -30.68 20.08
N ILE A 155 5.73 -30.28 20.37
CA ILE A 155 5.49 -28.88 20.74
C ILE A 155 6.10 -28.55 22.11
N TYR A 156 5.96 -29.43 23.10
CA TYR A 156 6.54 -29.13 24.42
C TYR A 156 8.05 -29.08 24.42
N ALA A 157 8.65 -29.82 23.49
CA ALA A 157 10.09 -29.89 23.45
C ALA A 157 10.55 -28.56 22.96
N LYS A 158 9.86 -28.09 21.92
CA LYS A 158 10.15 -26.81 21.31
C LYS A 158 10.06 -25.65 22.28
N LYS A 159 9.12 -25.68 23.23
CA LYS A 159 8.99 -24.55 24.15
C LYS A 159 10.26 -24.39 25.01
N GLU A 160 10.78 -25.46 25.58
CA GLU A 160 11.98 -25.33 26.42
C GLU A 160 13.17 -24.80 25.63
N LEU A 161 13.29 -25.26 24.39
CA LEU A 161 14.32 -24.83 23.47
C LEU A 161 14.21 -23.35 23.20
N LYS A 162 12.99 -22.91 22.90
CA LYS A 162 12.76 -21.48 22.63
C LYS A 162 13.13 -20.68 23.86
N LEU A 163 12.71 -21.14 25.03
CA LEU A 163 12.96 -20.35 26.24
C LEU A 163 14.46 -20.15 26.52
N THR A 164 15.29 -21.17 26.27
CA THR A 164 16.74 -21.03 26.48
C THR A 164 17.43 -20.07 25.50
N ARG A 165 16.78 -19.83 24.37
CA ARG A 165 17.33 -19.00 23.33
C ARG A 165 16.95 -17.53 23.53
N ILE A 166 15.91 -17.25 24.32
CA ILE A 166 15.40 -15.89 24.48
C ILE A 166 16.48 -15.13 25.26
N PRO A 167 16.82 -13.92 24.80
CA PRO A 167 17.82 -13.16 25.58
C PRO A 167 17.16 -12.48 26.77
N LYS A 168 16.90 -13.26 27.80
CA LYS A 168 15.97 -12.81 28.83
C LYS A 168 16.54 -11.65 29.64
N GLU A 169 17.86 -11.54 29.75
CA GLU A 169 18.41 -10.38 30.42
C GLU A 169 18.25 -9.09 29.61
N ILE A 170 18.41 -9.18 28.27
CA ILE A 170 18.19 -8.02 27.44
C ILE A 170 16.69 -7.64 27.51
N MET A 171 15.84 -8.66 27.55
CA MET A 171 14.38 -8.42 27.64
C MET A 171 14.01 -7.60 28.86
N HIS A 172 14.79 -7.71 29.93
CA HIS A 172 14.53 -6.90 31.13
C HIS A 172 15.15 -5.51 31.15
N LYS A 173 15.97 -5.18 30.15
CA LYS A 173 16.71 -3.94 30.18
C LYS A 173 16.27 -2.92 29.13
N ILE A 174 15.92 -3.39 27.94
CA ILE A 174 15.52 -2.49 26.86
C ILE A 174 14.22 -2.97 26.22
N PRO A 175 13.49 -2.05 25.57
CA PRO A 175 12.24 -2.51 24.93
C PRO A 175 12.54 -3.45 23.79
N THR A 176 11.78 -4.54 23.71
CA THR A 176 11.91 -5.54 22.64
C THR A 176 10.54 -6.13 22.32
N THR A 177 10.46 -6.84 21.21
CA THR A 177 9.20 -7.50 20.86
C THR A 177 8.80 -8.60 21.83
N LEU A 178 9.72 -9.07 22.69
CA LEU A 178 9.39 -10.12 23.62
C LEU A 178 8.33 -9.66 24.64
N LEU A 179 8.26 -8.34 24.83
CA LEU A 179 7.28 -7.80 25.78
C LEU A 179 5.87 -8.08 25.32
N HIS A 180 5.66 -8.32 24.02
CA HIS A 180 4.31 -8.66 23.56
C HIS A 180 3.85 -10.03 24.00
N SER A 181 4.76 -10.88 24.50
CA SER A 181 4.41 -12.25 24.82
C SER A 181 4.92 -12.73 26.15
N LEU A 182 4.68 -11.97 27.21
CA LEU A 182 5.24 -12.33 28.51
C LEU A 182 4.50 -13.52 29.16
N GLU A 183 3.26 -13.76 28.74
CA GLU A 183 2.37 -14.70 29.45
C GLU A 183 2.85 -16.15 29.45
N GLY A 184 3.69 -16.50 28.47
CA GLY A 184 4.32 -17.84 28.48
C GLY A 184 5.67 -17.99 29.17
N MET A 185 6.20 -16.92 29.77
CA MET A 185 7.49 -16.95 30.45
C MET A 185 7.42 -17.11 31.97
N ARG A 186 8.53 -17.53 32.55
CA ARG A 186 8.59 -17.75 34.00
C ARG A 186 9.79 -17.01 34.58
N ASP A 187 9.77 -16.82 35.89
CA ASP A 187 10.92 -16.20 36.58
C ASP A 187 11.23 -14.81 36.04
N LEU A 188 10.22 -13.96 35.94
CA LEU A 188 10.42 -12.60 35.47
C LEU A 188 10.71 -11.66 36.64
N ASP A 189 11.43 -10.58 36.37
CA ASP A 189 11.73 -9.56 37.38
C ASP A 189 10.89 -8.32 37.06
N TRP A 190 9.75 -8.19 37.75
CA TRP A 190 8.79 -7.15 37.40
C TRP A 190 9.28 -5.76 37.74
N GLU A 191 10.16 -5.66 38.73
CA GLU A 191 10.70 -4.34 38.99
C GLU A 191 11.42 -3.78 37.75
N LYS A 192 12.19 -4.63 37.07
CA LYS A 192 12.82 -4.23 35.81
C LYS A 192 11.79 -4.10 34.69
N LEU A 193 10.91 -5.08 34.57
CA LEU A 193 9.99 -5.03 33.40
C LEU A 193 9.04 -3.86 33.45
N LEU A 194 8.60 -3.49 34.65
CA LEU A 194 7.67 -2.34 34.67
C LEU A 194 8.29 -1.03 34.14
N LYS A 195 9.62 -0.92 34.16
CA LYS A 195 10.26 0.24 33.56
C LYS A 195 10.13 0.24 32.02
N LEU A 196 9.70 -0.89 31.46
CA LEU A 196 9.58 -1.04 30.01
C LEU A 196 8.14 -1.03 29.54
N GLN A 197 7.22 -0.74 30.45
CA GLN A 197 5.81 -0.56 30.08
C GLN A 197 5.65 0.55 29.06
N SER A 198 4.70 0.36 28.13
CA SER A 198 4.44 1.38 27.17
C SER A 198 3.66 2.52 27.81
N GLN A 199 3.63 3.64 27.10
CA GLN A 199 3.02 4.85 27.63
C GLN A 199 1.51 4.80 27.76
N ASP A 200 0.90 3.76 27.22
CA ASP A 200 -0.53 3.54 27.46
C ASP A 200 -0.80 2.46 28.47
N GLY A 201 0.23 2.03 29.20
CA GLY A 201 0.06 1.03 30.25
C GLY A 201 0.30 -0.41 29.79
N SER A 202 0.37 -0.63 28.47
CA SER A 202 0.49 -2.01 28.00
C SER A 202 1.91 -2.53 28.06
N PHE A 203 2.00 -3.86 27.97
CA PHE A 203 3.26 -4.47 27.53
C PHE A 203 3.17 -4.73 26.05
N LEU A 204 3.91 -3.89 25.33
CA LEU A 204 3.92 -3.76 23.87
C LEU A 204 2.59 -4.07 23.18
N PHE A 205 1.55 -3.39 23.65
CA PHE A 205 0.28 -3.37 22.95
C PHE A 205 -0.39 -4.73 22.86
N SER A 206 -0.04 -5.61 23.80
CA SER A 206 -0.72 -6.90 23.88
C SER A 206 -1.66 -7.05 25.07
N PRO A 207 -2.95 -7.23 24.82
CA PRO A 207 -3.83 -7.38 25.99
C PRO A 207 -3.48 -8.62 26.84
N SER A 208 -3.19 -9.77 26.22
CA SER A 208 -2.83 -10.93 27.03
C SER A 208 -1.56 -10.73 27.87
N SER A 209 -0.52 -10.14 27.27
CA SER A 209 0.73 -9.96 27.98
C SER A 209 0.48 -8.99 29.14
N THR A 210 -0.35 -7.97 28.84
CA THR A 210 -0.68 -6.97 29.88
C THR A 210 -1.54 -7.57 31.00
N ALA A 211 -2.45 -8.48 30.66
CA ALA A 211 -3.28 -9.13 31.67
C ALA A 211 -2.41 -9.98 32.57
N PHE A 212 -1.45 -10.72 32.00
CA PHE A 212 -0.56 -11.52 32.79
C PHE A 212 0.23 -10.62 33.67
N ALA A 213 0.75 -9.51 33.12
CA ALA A 213 1.52 -8.58 33.96
C ALA A 213 0.67 -8.08 35.12
N PHE A 214 -0.58 -7.74 34.82
CA PHE A 214 -1.44 -7.26 35.91
C PHE A 214 -1.63 -8.33 36.97
N MET A 215 -1.81 -9.60 36.58
CA MET A 215 -2.03 -10.66 37.57
C MET A 215 -0.81 -10.74 38.51
N GLN A 216 0.39 -10.47 37.97
CA GLN A 216 1.65 -10.64 38.70
C GLN A 216 2.07 -9.41 39.49
N THR A 217 1.51 -8.25 39.18
CA THR A 217 2.00 -6.99 39.74
C THR A 217 0.89 -6.11 40.30
N ARG A 218 -0.35 -6.35 39.90
CA ARG A 218 -1.47 -5.45 40.21
C ARG A 218 -1.19 -3.98 39.83
N ASP A 219 -0.38 -3.76 38.79
CA ASP A 219 -0.05 -2.42 38.36
C ASP A 219 -1.27 -1.69 37.79
N SER A 220 -1.54 -0.48 38.28
CA SER A 220 -2.71 0.25 37.88
C SER A 220 -2.71 0.68 36.44
N ASN A 221 -1.54 0.99 35.88
CA ASN A 221 -1.51 1.42 34.50
C ASN A 221 -1.81 0.22 33.55
N CYS A 222 -1.39 -0.97 33.94
CA CYS A 222 -1.81 -2.18 33.16
C CYS A 222 -3.31 -2.29 33.20
N LEU A 223 -3.88 -2.11 34.39
CA LEU A 223 -5.33 -2.23 34.50
C LEU A 223 -6.04 -1.19 33.65
N GLU A 224 -5.53 0.06 33.58
CA GLU A 224 -6.23 1.05 32.79
C GLU A 224 -6.18 0.74 31.28
N TYR A 225 -5.05 0.23 30.80
CA TYR A 225 -5.00 -0.19 29.41
C TYR A 225 -6.12 -1.21 29.12
N LEU A 226 -6.26 -2.17 30.03
CA LEU A 226 -7.24 -3.23 29.84
C LEU A 226 -8.64 -2.69 29.97
N ARG A 227 -8.86 -1.81 30.95
CA ARG A 227 -10.23 -1.24 31.08
C ARG A 227 -10.63 -0.50 29.79
N ASN A 228 -9.69 0.25 29.22
CA ASN A 228 -9.97 1.01 28.02
C ASN A 228 -10.30 0.09 26.84
N ALA A 229 -9.53 -0.99 26.70
CA ALA A 229 -9.75 -1.88 25.57
C ALA A 229 -11.07 -2.66 25.75
N VAL A 230 -11.33 -3.17 26.96
CA VAL A 230 -12.55 -3.95 27.21
C VAL A 230 -13.78 -3.06 26.97
N LYS A 231 -13.68 -1.79 27.36
CA LYS A 231 -14.79 -0.86 27.12
C LYS A 231 -15.04 -0.63 25.63
N ARG A 232 -13.95 -0.42 24.88
CA ARG A 232 -14.08 -0.12 23.46
C ARG A 232 -14.68 -1.29 22.71
N PHE A 233 -14.32 -2.52 23.11
CA PHE A 233 -14.81 -3.65 22.39
C PHE A 233 -15.87 -4.44 23.09
N ASN A 234 -16.57 -3.81 24.06
CA ASN A 234 -17.75 -4.41 24.67
C ASN A 234 -17.47 -5.79 25.27
N GLY A 235 -16.33 -5.91 25.93
CA GLY A 235 -16.00 -7.12 26.65
C GLY A 235 -14.82 -7.87 26.04
N GLY A 236 -14.70 -7.84 24.73
CA GLY A 236 -13.59 -8.56 24.11
C GLY A 236 -12.37 -7.67 24.05
N VAL A 237 -11.22 -8.27 23.69
CA VAL A 237 -10.03 -7.45 23.33
C VAL A 237 -9.40 -8.11 22.10
N PRO A 238 -8.68 -7.34 21.31
CA PRO A 238 -7.95 -7.87 20.16
C PRO A 238 -6.60 -8.40 20.57
N ASN A 239 -5.85 -8.93 19.58
CA ASN A 239 -4.49 -9.39 19.97
C ASN A 239 -3.40 -8.34 19.94
N VAL A 240 -3.74 -7.17 19.43
CA VAL A 240 -2.82 -6.05 19.40
C VAL A 240 -3.67 -4.79 19.41
N PHE A 241 -3.27 -3.81 20.24
CA PHE A 241 -4.07 -2.61 20.34
C PHE A 241 -3.31 -1.54 21.06
N PRO A 242 -3.38 -0.29 20.60
CA PRO A 242 -3.99 0.18 19.35
C PRO A 242 -3.26 -0.31 18.10
N VAL A 243 -3.94 -0.11 16.97
CA VAL A 243 -3.30 -0.26 15.65
C VAL A 243 -3.59 0.97 14.83
N ASP A 244 -3.49 2.14 15.47
CA ASP A 244 -3.92 3.39 14.80
C ASP A 244 -3.02 3.74 13.63
N LEU A 245 -1.70 3.62 13.80
CA LEU A 245 -0.83 4.01 12.69
C LEU A 245 -0.97 3.00 11.53
N PHE A 246 -0.97 1.69 11.86
CA PHE A 246 -1.17 0.64 10.86
C PHE A 246 -2.45 0.92 10.11
N GLU A 247 -3.54 1.19 10.81
CA GLU A 247 -4.80 1.38 10.09
C GLU A 247 -4.81 2.63 9.22
N HIS A 248 -4.32 3.75 9.75
CA HIS A 248 -4.29 4.98 8.96
C HIS A 248 -3.44 4.81 7.69
N ILE A 249 -2.25 4.22 7.84
CA ILE A 249 -1.34 4.09 6.70
C ILE A 249 -1.82 3.09 5.68
N TRP A 250 -2.33 1.93 6.15
CA TRP A 250 -2.74 0.91 5.19
C TRP A 250 -3.99 1.32 4.46
N ILE A 251 -4.92 2.03 5.12
CA ILE A 251 -6.11 2.49 4.36
C ILE A 251 -5.67 3.45 3.24
N VAL A 252 -4.77 4.38 3.49
CA VAL A 252 -4.33 5.29 2.43
C VAL A 252 -3.67 4.50 1.31
N ASP A 253 -2.80 3.55 1.67
CA ASP A 253 -2.15 2.76 0.64
C ASP A 253 -3.16 2.00 -0.22
N ARG A 254 -4.13 1.34 0.42
CA ARG A 254 -5.13 0.57 -0.34
C ARG A 254 -5.99 1.48 -1.21
N LEU A 255 -6.47 2.60 -0.71
CA LEU A 255 -7.29 3.49 -1.54
C LEU A 255 -6.49 4.02 -2.73
N GLN A 256 -5.22 4.37 -2.54
CA GLN A 256 -4.36 4.76 -3.63
C GLN A 256 -4.19 3.64 -4.69
N ARG A 257 -3.82 2.45 -4.21
CA ARG A 257 -3.60 1.36 -5.17
C ARG A 257 -4.86 0.93 -5.89
N LEU A 258 -5.99 1.01 -5.22
CA LEU A 258 -7.27 0.70 -5.86
C LEU A 258 -7.74 1.75 -6.84
N GLY A 259 -7.06 2.90 -6.95
CA GLY A 259 -7.36 3.87 -8.02
C GLY A 259 -8.44 4.86 -7.66
N ILE A 260 -8.84 4.87 -6.39
CA ILE A 260 -10.00 5.71 -5.96
C ILE A 260 -9.61 6.82 -4.98
N SER A 261 -8.32 7.04 -4.78
CA SER A 261 -7.92 8.00 -3.71
C SER A 261 -8.32 9.45 -4.00
N ARG A 262 -8.55 9.80 -5.28
CA ARG A 262 -8.84 11.20 -5.62
C ARG A 262 -10.20 11.62 -5.08
N TYR A 263 -11.04 10.65 -4.73
CA TYR A 263 -12.34 10.95 -4.13
C TYR A 263 -12.22 11.38 -2.68
N PHE A 264 -11.06 11.13 -2.10
CA PHE A 264 -10.88 11.21 -0.64
C PHE A 264 -9.74 12.13 -0.29
N GLU A 265 -9.45 13.16 -1.07
CA GLU A 265 -8.24 13.93 -0.87
C GLU A 265 -8.17 14.60 0.51
N GLU A 266 -9.28 15.21 0.91
CA GLU A 266 -9.32 15.92 2.19
C GLU A 266 -9.14 14.96 3.34
N GLU A 267 -9.85 13.83 3.29
CA GLU A 267 -9.80 12.81 4.35
C GLU A 267 -8.41 12.15 4.38
N ILE A 268 -7.81 11.90 3.21
CA ILE A 268 -6.43 11.39 3.21
C ILE A 268 -5.44 12.37 3.78
N LYS A 269 -5.60 13.67 3.47
CA LYS A 269 -4.71 14.63 4.11
C LYS A 269 -4.82 14.59 5.61
N GLU A 270 -6.04 14.52 6.12
CA GLU A 270 -6.18 14.45 7.57
C GLU A 270 -5.49 13.19 8.13
N CYS A 271 -5.69 12.04 7.44
CA CYS A 271 -5.03 10.81 7.91
C CYS A 271 -3.52 10.91 7.92
N LEU A 272 -2.93 11.46 6.86
CA LEU A 272 -1.48 11.60 6.85
C LEU A 272 -0.98 12.67 7.84
N ASP A 273 -1.80 13.70 8.11
CA ASP A 273 -1.40 14.64 9.17
C ASP A 273 -1.34 13.94 10.49
N TYR A 274 -2.27 13.03 10.75
CA TYR A 274 -2.23 12.22 11.94
C TYR A 274 -0.96 11.36 12.01
N VAL A 275 -0.67 10.67 10.90
CA VAL A 275 0.56 9.86 10.91
C VAL A 275 1.80 10.70 11.12
N HIS A 276 1.87 11.86 10.45
CA HIS A 276 3.05 12.70 10.62
C HIS A 276 3.21 13.19 12.08
N ARG A 277 2.11 13.42 12.78
CA ARG A 277 2.15 13.89 14.18
C ARG A 277 2.91 12.89 15.04
N TYR A 278 2.83 11.60 14.67
CA TYR A 278 3.42 10.52 15.49
C TYR A 278 4.66 9.88 14.88
N TRP A 279 5.11 10.45 13.77
CA TRP A 279 6.36 10.05 13.14
C TRP A 279 7.50 10.48 14.04
N THR A 280 8.55 9.68 14.07
CA THR A 280 9.74 9.99 14.88
C THR A 280 11.00 9.70 14.11
N ASP A 281 12.13 10.16 14.65
CA ASP A 281 13.42 9.96 13.96
C ASP A 281 13.88 8.50 13.97
N ASN A 282 13.18 7.67 14.74
CA ASN A 282 13.44 6.22 14.80
C ASN A 282 12.37 5.42 14.00
N GLY A 283 11.49 6.13 13.32
CA GLY A 283 10.38 5.47 12.63
C GLY A 283 9.24 5.21 13.59
N ILE A 284 8.42 4.18 13.27
CA ILE A 284 7.18 3.89 14.00
C ILE A 284 6.94 2.42 14.03
N CYS A 285 5.97 2.05 14.86
CA CYS A 285 5.28 0.72 14.72
C CYS A 285 3.83 0.91 14.35
N TRP A 286 3.01 -0.10 14.57
CA TRP A 286 1.59 -0.11 14.24
C TRP A 286 0.81 0.85 15.15
N ALA A 287 1.35 1.16 16.32
CA ALA A 287 0.67 1.96 17.33
C ALA A 287 1.48 3.21 17.64
N ARG A 288 0.79 4.35 17.83
CA ARG A 288 1.51 5.58 18.22
C ARG A 288 2.22 5.42 19.56
N CYS A 289 3.30 6.20 19.68
CA CYS A 289 3.96 6.42 21.00
C CYS A 289 4.51 5.11 21.52
N SER A 290 5.36 4.51 20.70
CA SER A 290 5.99 3.26 21.07
C SER A 290 7.48 3.39 21.18
N HIS A 291 8.07 2.56 22.06
CA HIS A 291 9.50 2.45 22.17
C HIS A 291 10.12 1.35 21.32
N VAL A 292 9.29 0.60 20.55
CA VAL A 292 9.76 -0.39 19.61
C VAL A 292 9.24 0.00 18.23
N GLN A 293 10.07 -0.02 17.21
CA GLN A 293 9.60 0.30 15.87
C GLN A 293 9.74 -0.89 14.95
N ASP A 294 9.04 -0.87 13.83
CA ASP A 294 9.18 -1.99 12.87
C ASP A 294 9.32 -1.44 11.48
N ILE A 295 10.06 -2.18 10.66
CA ILE A 295 10.38 -1.64 9.34
C ILE A 295 9.18 -1.58 8.41
N ASP A 296 8.16 -2.43 8.59
CA ASP A 296 7.02 -2.42 7.64
C ASP A 296 6.19 -1.12 7.84
N ASP A 297 5.80 -0.85 9.10
CA ASP A 297 5.10 0.41 9.37
C ASP A 297 5.95 1.60 9.00
N THR A 298 7.25 1.53 9.35
CA THR A 298 8.16 2.65 9.05
C THR A 298 8.28 2.90 7.55
N ALA A 299 8.45 1.83 6.77
CA ALA A 299 8.58 1.98 5.32
C ALA A 299 7.32 2.48 4.66
N MET A 300 6.17 2.01 5.14
CA MET A 300 4.90 2.46 4.53
C MET A 300 4.66 3.90 4.83
N ALA A 301 4.83 4.31 6.10
CA ALA A 301 4.64 5.72 6.45
C ALA A 301 5.67 6.59 5.76
N PHE A 302 6.93 6.15 5.70
CA PHE A 302 7.93 6.99 5.05
C PHE A 302 7.51 7.29 3.62
N ARG A 303 7.11 6.24 2.90
CA ARG A 303 6.77 6.41 1.49
C ARG A 303 5.59 7.33 1.30
N LEU A 304 4.52 7.09 2.05
CA LEU A 304 3.31 7.92 1.87
C LEU A 304 3.56 9.34 2.29
N LEU A 305 4.27 9.55 3.41
CA LEU A 305 4.58 10.93 3.83
C LEU A 305 5.44 11.63 2.76
N ARG A 306 6.48 10.96 2.25
CA ARG A 306 7.34 11.63 1.26
C ARG A 306 6.53 11.90 0.01
N GLN A 307 5.71 10.95 -0.44
CA GLN A 307 4.89 11.11 -1.67
C GLN A 307 3.96 12.31 -1.58
N HIS A 308 3.49 12.60 -0.36
CA HIS A 308 2.54 13.69 -0.14
C HIS A 308 3.20 14.98 0.30
N GLY A 309 4.52 15.05 0.19
CA GLY A 309 5.18 16.33 0.41
C GLY A 309 5.63 16.65 1.83
N TYR A 310 5.50 15.69 2.75
CA TYR A 310 6.02 15.89 4.10
C TYR A 310 7.52 15.68 4.10
N GLN A 311 8.21 16.32 5.03
CA GLN A 311 9.66 16.15 5.10
C GLN A 311 9.98 15.00 6.04
N VAL A 312 10.54 13.94 5.50
CA VAL A 312 10.93 12.82 6.32
C VAL A 312 12.36 12.46 5.89
N SER A 313 13.11 11.89 6.81
CA SER A 313 14.50 11.56 6.55
C SER A 313 14.68 10.07 6.35
N ALA A 314 15.53 9.69 5.39
CA ALA A 314 15.88 8.28 5.23
C ALA A 314 16.72 7.73 6.40
N ASP A 315 17.20 8.59 7.28
CA ASP A 315 17.92 8.15 8.46
C ASP A 315 17.10 7.20 9.37
N VAL A 316 15.76 7.23 9.27
CA VAL A 316 14.91 6.33 10.06
C VAL A 316 15.23 4.87 9.77
N PHE A 317 15.85 4.58 8.63
CA PHE A 317 16.07 3.16 8.25
C PHE A 317 17.37 2.62 8.81
N LYS A 318 18.22 3.52 9.28
CA LYS A 318 19.54 3.12 9.77
C LYS A 318 19.45 2.08 10.88
N ASN A 319 18.48 2.22 11.77
CA ASN A 319 18.36 1.30 12.88
C ASN A 319 18.02 -0.15 12.44
N PHE A 320 17.47 -0.28 11.23
CA PHE A 320 17.03 -1.61 10.75
C PHE A 320 18.07 -2.30 9.88
N GLU A 321 19.19 -1.63 9.66
CA GLU A 321 20.22 -2.14 8.78
C GLU A 321 21.31 -2.78 9.62
N LYS A 322 21.83 -3.89 9.11
CA LYS A 322 22.94 -4.61 9.78
C LYS A 322 23.75 -5.32 8.71
N GLU A 323 25.00 -4.91 8.55
CA GLU A 323 25.91 -5.53 7.58
C GLU A 323 25.28 -5.63 6.20
N GLY A 324 24.62 -4.55 5.76
CA GLY A 324 24.05 -4.45 4.42
C GLY A 324 22.73 -5.17 4.19
N GLU A 325 22.17 -5.78 5.23
CA GLU A 325 20.85 -6.38 5.14
C GLU A 325 19.91 -5.57 6.02
N PHE A 326 18.61 -5.70 5.80
CA PHE A 326 17.61 -4.99 6.57
C PHE A 326 16.65 -5.97 7.19
N PHE A 327 16.07 -5.59 8.33
CA PHE A 327 15.30 -6.49 9.18
C PHE A 327 14.04 -5.79 9.64
N CSO A 328 13.02 -6.58 9.91
CA CSO A 328 11.73 -6.09 10.43
CB CSO A 328 10.70 -7.21 10.61
SG CSO A 328 10.13 -7.70 8.96
C CSO A 328 11.91 -5.40 11.77
O CSO A 328 11.33 -4.35 11.99
OD CSO A 328 8.67 -6.72 8.64
N PHE A 329 12.68 -6.01 12.69
CA PHE A 329 12.84 -5.48 14.03
C PHE A 329 14.32 -5.51 14.41
N VAL A 330 14.77 -4.50 15.14
CA VAL A 330 16.17 -4.48 15.64
C VAL A 330 16.40 -5.69 16.54
N GLY A 331 17.50 -6.42 16.32
CA GLY A 331 17.86 -7.51 17.19
C GLY A 331 17.12 -8.81 16.97
N GLN A 332 16.39 -8.90 15.86
CA GLN A 332 15.73 -10.10 15.45
C GLN A 332 16.04 -10.37 14.00
N SER A 333 15.99 -11.64 13.60
CA SER A 333 16.43 -12.06 12.28
C SER A 333 15.32 -12.07 11.26
N ASN A 334 14.09 -11.86 11.69
CA ASN A 334 12.95 -11.87 10.77
C ASN A 334 13.06 -10.88 9.60
N GLN A 335 12.79 -11.37 8.38
CA GLN A 335 12.72 -10.57 7.17
C GLN A 335 11.49 -10.92 6.30
N ALA A 336 10.32 -10.55 6.77
CA ALA A 336 9.07 -10.90 6.10
C ALA A 336 8.99 -10.37 4.67
N VAL A 337 8.46 -11.20 3.77
CA VAL A 337 8.22 -10.80 2.39
C VAL A 337 7.46 -9.48 2.30
N THR A 338 6.38 -9.33 3.06
CA THR A 338 5.64 -8.06 2.94
C THR A 338 6.41 -6.86 3.46
N GLY A 339 7.16 -7.01 4.55
CA GLY A 339 8.00 -5.91 5.00
C GLY A 339 9.06 -5.54 4.01
N MET A 340 9.66 -6.53 3.35
CA MET A 340 10.71 -6.20 2.38
C MET A 340 10.13 -5.61 1.10
N PHE A 341 8.92 -6.07 0.75
CA PHE A 341 8.16 -5.46 -0.36
C PHE A 341 7.91 -3.98 -0.04
N ASN A 342 7.42 -3.70 1.16
CA ASN A 342 7.23 -2.30 1.50
C ASN A 342 8.51 -1.45 1.63
N LEU A 343 9.61 -2.06 2.09
CA LEU A 343 10.90 -1.42 2.02
C LEU A 343 11.30 -1.12 0.57
N TYR A 344 11.11 -2.09 -0.32
CA TYR A 344 11.47 -1.90 -1.73
C TYR A 344 10.65 -0.75 -2.30
N ARG A 345 9.36 -0.73 -1.98
CA ARG A 345 8.58 0.41 -2.46
C ARG A 345 9.07 1.76 -1.93
N ALA A 346 9.37 1.82 -0.63
CA ALA A 346 9.83 3.06 -0.06
C ALA A 346 11.17 3.49 -0.67
N SER A 347 12.06 2.52 -0.88
CA SER A 347 13.43 2.85 -1.29
C SER A 347 13.44 3.51 -2.66
N GLN A 348 12.40 3.29 -3.43
CA GLN A 348 12.34 3.90 -4.77
C GLN A 348 11.99 5.38 -4.79
N LEU A 349 11.62 5.93 -3.62
CA LEU A 349 11.40 7.37 -3.46
C LEU A 349 12.65 8.05 -2.90
N ALA A 350 13.76 7.34 -2.98
CA ALA A 350 15.04 7.88 -2.50
C ALA A 350 15.39 9.14 -3.30
N PHE A 351 16.04 10.06 -2.62
CA PHE A 351 16.62 11.20 -3.29
C PHE A 351 18.08 10.80 -3.52
N PRO A 352 18.75 11.46 -4.49
CA PRO A 352 20.11 11.07 -4.90
C PRO A 352 21.15 10.92 -3.75
N ARG A 353 21.05 11.75 -2.72
CA ARG A 353 21.99 11.74 -1.60
C ARG A 353 21.74 10.64 -0.55
N GLU A 354 20.68 9.88 -0.70
CA GLU A 354 20.28 8.96 0.37
C GLU A 354 20.84 7.54 0.22
N GLU A 355 22.10 7.37 0.58
CA GLU A 355 22.81 6.12 0.42
C GLU A 355 22.12 4.91 1.06
N ILE A 356 21.57 5.11 2.25
CA ILE A 356 20.98 3.99 2.97
C ILE A 356 19.82 3.40 2.15
N LEU A 357 19.06 4.24 1.47
CA LEU A 357 17.95 3.75 0.62
C LEU A 357 18.41 3.13 -0.68
N LYS A 358 19.55 3.58 -1.20
CA LYS A 358 20.13 2.85 -2.31
C LYS A 358 20.53 1.45 -1.91
N ASN A 359 21.11 1.31 -0.73
CA ASN A 359 21.44 0.00 -0.21
C ASN A 359 20.17 -0.82 0.07
N ALA A 360 19.16 -0.18 0.64
CA ALA A 360 17.89 -0.86 0.90
C ALA A 360 17.23 -1.32 -0.41
N LYS A 361 17.30 -0.49 -1.43
CA LYS A 361 16.71 -0.89 -2.72
C LYS A 361 17.38 -2.14 -3.31
N GLU A 362 18.70 -2.17 -3.29
CA GLU A 362 19.40 -3.35 -3.76
C GLU A 362 19.12 -4.58 -2.93
N PHE A 363 19.16 -4.43 -1.59
CA PHE A 363 18.94 -5.56 -0.74
C PHE A 363 17.55 -6.15 -0.94
N SER A 364 16.54 -5.26 -0.92
CA SER A 364 15.18 -5.77 -0.91
C SER A 364 14.76 -6.30 -2.30
N TYR A 365 15.25 -5.66 -3.37
CA TYR A 365 15.02 -6.19 -4.71
C TYR A 365 15.59 -7.61 -4.81
N ASN A 366 16.85 -7.75 -4.43
CA ASN A 366 17.46 -9.08 -4.53
C ASN A 366 16.85 -10.15 -3.61
N TYR A 367 16.44 -9.76 -2.40
CA TYR A 367 15.78 -10.61 -1.50
C TYR A 367 14.49 -11.14 -2.13
N LEU A 368 13.67 -10.23 -2.69
CA LEU A 368 12.39 -10.64 -3.24
C LEU A 368 12.58 -11.49 -4.51
N LEU A 369 13.57 -11.14 -5.29
CA LEU A 369 13.90 -11.90 -6.51
C LEU A 369 14.24 -13.34 -6.14
N GLU A 370 15.03 -13.52 -5.08
CA GLU A 370 15.38 -14.87 -4.62
C GLU A 370 14.18 -15.63 -4.07
N LYS A 371 13.34 -14.96 -3.27
CA LYS A 371 12.18 -15.64 -2.74
C LYS A 371 11.28 -16.08 -3.88
N ARG A 372 11.16 -15.28 -4.92
CA ARG A 372 10.30 -15.63 -6.04
C ARG A 372 10.86 -16.89 -6.74
N GLU A 373 12.17 -16.88 -6.96
CA GLU A 373 12.86 -17.99 -7.62
C GLU A 373 12.72 -19.28 -6.85
N ARG A 374 12.77 -19.19 -5.54
CA ARG A 374 12.62 -20.36 -4.68
C ARG A 374 11.20 -20.71 -4.26
N GLU A 375 10.23 -20.01 -4.82
CA GLU A 375 8.82 -20.27 -4.48
C GLU A 375 8.58 -20.15 -2.99
N GLU A 376 9.12 -19.09 -2.42
CA GLU A 376 8.89 -18.78 -1.00
C GLU A 376 8.16 -17.46 -0.80
N LEU A 377 7.34 -17.04 -1.75
CA LEU A 377 6.55 -15.81 -1.57
C LEU A 377 5.33 -16.10 -0.71
N ILE A 378 5.60 -16.23 0.58
CA ILE A 378 4.60 -16.57 1.60
C ILE A 378 5.04 -15.71 2.75
N ASP A 379 4.09 -15.21 3.53
CA ASP A 379 4.43 -14.22 4.52
C ASP A 379 3.93 -14.69 5.87
N LYS A 380 4.68 -14.39 6.91
CA LYS A 380 4.30 -14.88 8.23
C LYS A 380 3.16 -14.04 8.85
N TRP A 381 3.01 -12.83 8.37
CA TRP A 381 2.10 -11.87 8.99
C TRP A 381 0.71 -11.81 8.37
N ILE A 382 0.52 -12.46 7.21
CA ILE A 382 -0.77 -12.28 6.52
C ILE A 382 -0.97 -13.36 5.47
N ILE A 383 -2.21 -13.81 5.38
CA ILE A 383 -2.66 -14.68 4.29
C ILE A 383 -3.47 -13.80 3.30
N MET A 384 -2.93 -13.64 2.07
CA MET A 384 -3.45 -12.66 1.11
C MET A 384 -3.97 -13.40 -0.10
N LYS A 385 -4.81 -12.75 -0.85
CA LYS A 385 -5.30 -13.37 -2.09
C LYS A 385 -4.18 -13.70 -3.06
N ASP A 386 -3.25 -12.76 -3.26
CA ASP A 386 -2.29 -12.92 -4.39
C ASP A 386 -0.96 -12.23 -4.14
N LEU A 387 -0.29 -12.62 -3.05
CA LEU A 387 1.03 -12.07 -2.76
C LEU A 387 2.03 -12.31 -3.94
N PRO A 388 2.02 -13.50 -4.55
CA PRO A 388 2.99 -13.67 -5.65
C PRO A 388 2.76 -12.66 -6.82
N GLY A 389 1.50 -12.35 -7.09
CA GLY A 389 1.14 -11.36 -8.11
C GLY A 389 1.60 -9.95 -7.78
N GLU A 390 1.40 -9.58 -6.51
CA GLU A 390 1.87 -8.28 -6.07
C GLU A 390 3.38 -8.15 -6.17
N ILE A 391 4.08 -9.17 -5.67
CA ILE A 391 5.55 -9.09 -5.74
C ILE A 391 6.05 -9.15 -7.19
N GLY A 392 5.42 -10.01 -7.99
CA GLY A 392 5.80 -10.12 -9.39
C GLY A 392 5.68 -8.79 -10.11
N PHE A 393 4.55 -8.10 -9.89
CA PHE A 393 4.38 -6.81 -10.53
C PHE A 393 5.45 -5.81 -10.06
N ALA A 394 5.74 -5.77 -8.76
CA ALA A 394 6.72 -4.84 -8.26
C ALA A 394 8.15 -5.11 -8.77
N LEU A 395 8.44 -6.39 -8.98
CA LEU A 395 9.77 -6.78 -9.51
C LEU A 395 9.89 -6.42 -10.97
N GLU A 396 8.78 -6.50 -11.70
CA GLU A 396 8.83 -6.24 -13.16
C GLU A 396 8.69 -4.75 -13.50
N ILE A 397 7.94 -4.00 -12.69
CA ILE A 397 7.62 -2.60 -12.99
C ILE A 397 8.05 -1.68 -11.86
N PRO A 398 9.24 -1.07 -12.00
CA PRO A 398 9.71 -0.15 -10.97
C PRO A 398 8.74 1.02 -10.84
N TRP A 399 8.76 1.67 -9.68
CA TRP A 399 7.94 2.85 -9.48
C TRP A 399 8.10 3.92 -10.60
N TYR A 400 9.33 4.10 -11.11
CA TYR A 400 9.53 5.07 -12.17
C TYR A 400 8.79 4.68 -13.46
N ALA A 401 8.38 3.42 -13.58
CA ALA A 401 7.65 2.99 -14.80
C ALA A 401 6.22 2.67 -14.49
N SER A 402 5.74 2.98 -13.29
CA SER A 402 4.44 2.44 -12.89
C SER A 402 3.34 3.48 -13.16
N LEU A 403 2.56 3.31 -14.24
CA LEU A 403 1.54 4.28 -14.59
C LEU A 403 0.29 3.94 -13.78
N PRO A 404 -0.48 4.95 -13.34
CA PRO A 404 -1.56 4.72 -12.39
C PRO A 404 -2.51 3.62 -12.82
N ARG A 405 -3.02 3.61 -14.07
CA ARG A 405 -3.99 2.58 -14.40
C ARG A 405 -3.38 1.21 -14.56
N VAL A 406 -2.10 1.12 -14.89
CA VAL A 406 -1.50 -0.21 -15.02
C VAL A 406 -1.41 -0.87 -13.61
N GLU A 407 -0.85 -0.13 -12.69
CA GLU A 407 -0.76 -0.67 -11.32
C GLU A 407 -2.13 -0.96 -10.72
N THR A 408 -3.08 -0.05 -10.92
CA THR A 408 -4.44 -0.27 -10.38
C THR A 408 -5.13 -1.45 -11.04
N ARG A 409 -4.98 -1.59 -12.37
CA ARG A 409 -5.70 -2.67 -13.06
C ARG A 409 -5.28 -4.02 -12.50
N PHE A 410 -3.99 -4.15 -12.21
CA PHE A 410 -3.53 -5.43 -11.63
C PHE A 410 -3.89 -5.53 -10.15
N TYR A 411 -3.78 -4.43 -9.39
CA TYR A 411 -4.12 -4.53 -7.97
C TYR A 411 -5.59 -4.86 -7.73
N ILE A 412 -6.48 -4.36 -8.61
CA ILE A 412 -7.90 -4.65 -8.35
C ILE A 412 -8.15 -6.15 -8.47
N ASP A 413 -7.36 -6.86 -9.31
CA ASP A 413 -7.47 -8.33 -9.36
C ASP A 413 -6.72 -9.06 -8.25
N GLN A 414 -5.85 -8.34 -7.52
CA GLN A 414 -5.08 -8.96 -6.42
C GLN A 414 -5.68 -8.70 -5.05
N TYR A 415 -6.40 -7.60 -4.88
CA TYR A 415 -6.83 -7.18 -3.55
C TYR A 415 -7.86 -8.18 -3.00
N GLY A 416 -7.57 -8.66 -1.79
CA GLY A 416 -8.39 -9.68 -1.18
C GLY A 416 -9.72 -9.21 -0.57
N GLY A 417 -9.94 -7.90 -0.51
CA GLY A 417 -11.14 -7.39 0.14
C GLY A 417 -11.23 -7.92 1.56
N GLU A 418 -12.42 -8.38 1.98
CA GLU A 418 -12.57 -8.82 3.34
C GLU A 418 -11.98 -10.20 3.62
N ASN A 419 -11.44 -10.85 2.58
CA ASN A 419 -11.00 -12.24 2.71
C ASN A 419 -9.57 -12.40 3.17
N ASP A 420 -8.79 -11.33 3.14
CA ASP A 420 -7.45 -11.45 3.72
C ASP A 420 -7.49 -11.63 5.24
N VAL A 421 -6.53 -12.39 5.79
CA VAL A 421 -6.54 -12.64 7.25
C VAL A 421 -5.14 -12.38 7.75
N TRP A 422 -5.02 -11.60 8.79
CA TRP A 422 -3.74 -11.25 9.35
C TRP A 422 -3.39 -12.23 10.47
N ILE A 423 -2.09 -12.37 10.70
CA ILE A 423 -1.62 -13.36 11.68
C ILE A 423 -0.92 -12.66 12.83
N GLY A 424 -1.51 -12.78 14.01
CA GLY A 424 -0.91 -12.32 15.26
C GLY A 424 -0.76 -13.48 16.19
N LYS A 425 -0.94 -13.28 17.49
CA LYS A 425 -1.07 -14.47 18.36
C LYS A 425 -2.23 -15.35 17.95
N THR A 426 -3.27 -14.73 17.36
CA THR A 426 -4.37 -15.45 16.79
C THR A 426 -4.63 -14.80 15.41
N LEU A 427 -5.45 -15.43 14.59
CA LEU A 427 -5.88 -14.86 13.31
C LEU A 427 -6.76 -13.66 13.56
N TYR A 428 -6.59 -12.60 12.78
CA TYR A 428 -7.42 -11.41 12.96
C TYR A 428 -7.71 -10.74 11.64
N ARG A 429 -8.73 -9.89 11.65
CA ARG A 429 -9.12 -9.13 10.45
C ARG A 429 -9.03 -7.62 10.75
N MET A 430 -8.83 -6.85 9.70
CA MET A 430 -8.78 -5.37 9.76
C MET A 430 -9.84 -4.85 8.81
N PRO A 431 -11.08 -4.73 9.27
CA PRO A 431 -12.21 -4.47 8.35
C PRO A 431 -12.14 -3.16 7.63
N TYR A 432 -11.39 -2.18 8.12
CA TYR A 432 -11.32 -0.93 7.38
C TYR A 432 -10.12 -0.85 6.45
N VAL A 433 -9.25 -1.87 6.49
CA VAL A 433 -8.17 -1.99 5.51
C VAL A 433 -8.59 -2.95 4.40
N ASN A 434 -9.27 -4.03 4.83
CA ASN A 434 -9.60 -5.15 3.95
C ASN A 434 -11.10 -5.24 3.90
N ASN A 435 -11.66 -4.67 2.83
CA ASN A 435 -13.03 -4.22 2.84
C ASN A 435 -13.62 -4.52 1.44
N ASN A 436 -14.71 -5.28 1.35
CA ASN A 436 -15.31 -5.56 0.03
C ASN A 436 -15.96 -4.32 -0.56
N GLY A 437 -16.42 -3.40 0.26
CA GLY A 437 -16.97 -2.18 -0.35
C GLY A 437 -15.93 -1.34 -1.06
N TYR A 438 -14.68 -1.31 -0.56
CA TYR A 438 -13.66 -0.56 -1.29
C TYR A 438 -13.47 -1.20 -2.67
N LEU A 439 -13.49 -2.53 -2.69
CA LEU A 439 -13.21 -3.23 -3.96
C LEU A 439 -14.35 -3.00 -4.93
N GLU A 440 -15.58 -3.02 -4.42
CA GLU A 440 -16.72 -2.77 -5.33
C GLU A 440 -16.70 -1.36 -5.87
N LEU A 441 -16.37 -0.36 -5.04
CA LEU A 441 -16.23 1.02 -5.52
C LEU A 441 -15.10 1.11 -6.54
N ALA A 442 -13.98 0.45 -6.26
CA ALA A 442 -12.87 0.49 -7.21
C ALA A 442 -13.22 -0.16 -8.54
N LYS A 443 -13.92 -1.29 -8.50
CA LYS A 443 -14.37 -1.92 -9.77
C LYS A 443 -15.27 -0.98 -10.54
N GLN A 444 -16.25 -0.37 -9.86
CA GLN A 444 -17.16 0.51 -10.60
C GLN A 444 -16.41 1.69 -11.17
N ASP A 445 -15.55 2.35 -10.39
CA ASP A 445 -14.88 3.51 -10.91
C ASP A 445 -13.94 3.16 -12.07
N TYR A 446 -13.28 1.99 -11.96
CA TYR A 446 -12.33 1.63 -12.99
C TYR A 446 -13.10 1.40 -14.28
N ASN A 447 -14.19 0.65 -14.16
CA ASN A 447 -14.96 0.37 -15.39
C ASN A 447 -15.60 1.62 -15.96
N ASN A 448 -15.96 2.58 -15.12
CA ASN A 448 -16.54 3.79 -15.67
C ASN A 448 -15.51 4.59 -16.43
N CYS A 449 -14.29 4.75 -15.89
CA CYS A 449 -13.23 5.45 -16.62
C CYS A 449 -12.86 4.70 -17.89
N GLN A 450 -12.82 3.37 -17.83
CA GLN A 450 -12.42 2.58 -18.98
C GLN A 450 -13.42 2.72 -20.12
N ALA A 451 -14.70 2.82 -19.74
CA ALA A 451 -15.74 3.03 -20.76
C ALA A 451 -15.50 4.34 -21.48
N GLN A 452 -15.10 5.39 -20.74
CA GLN A 452 -14.80 6.68 -21.39
C GLN A 452 -13.60 6.53 -22.30
N HIS A 453 -12.59 5.79 -21.86
CA HIS A 453 -11.40 5.66 -22.70
C HIS A 453 -11.75 4.94 -23.99
N GLN A 454 -12.67 4.01 -23.94
CA GLN A 454 -13.06 3.30 -25.17
C GLN A 454 -13.77 4.22 -26.14
N LEU A 455 -14.61 5.10 -25.62
CA LEU A 455 -15.21 6.15 -26.50
C LEU A 455 -14.12 6.99 -27.19
N GLU A 456 -13.14 7.45 -26.39
CA GLU A 456 -12.09 8.28 -26.90
C GLU A 456 -11.22 7.56 -27.89
N TRP A 457 -10.99 6.28 -27.67
CA TRP A 457 -10.18 5.50 -28.60
C TRP A 457 -10.89 5.41 -29.95
N ASP A 458 -12.20 5.27 -29.91
CA ASP A 458 -12.94 5.29 -31.19
C ASP A 458 -12.79 6.65 -31.89
N ILE A 459 -12.95 7.75 -31.16
CA ILE A 459 -12.78 9.10 -31.70
C ILE A 459 -11.36 9.33 -32.27
N PHE A 460 -10.38 8.82 -31.55
CA PHE A 460 -8.99 9.02 -31.93
C PHE A 460 -8.68 8.26 -33.23
N GLN A 461 -9.19 7.03 -33.34
CA GLN A 461 -8.96 6.25 -34.58
C GLN A 461 -9.64 6.97 -35.74
N LYS A 462 -10.81 7.55 -35.51
CA LYS A 462 -11.49 8.32 -36.60
C LYS A 462 -10.65 9.51 -37.00
N TRP A 463 -10.08 10.24 -36.05
CA TRP A 463 -9.16 11.35 -36.35
C TRP A 463 -7.95 10.90 -37.18
N TYR A 464 -7.37 9.75 -36.81
CA TYR A 464 -6.22 9.23 -37.51
C TYR A 464 -6.58 8.88 -38.95
N GLU A 465 -7.73 8.25 -39.13
CA GLU A 465 -8.14 7.85 -40.49
C GLU A 465 -8.48 9.08 -41.33
N GLU A 466 -9.20 10.03 -40.75
CA GLU A 466 -9.68 11.20 -41.49
C GLU A 466 -8.55 12.10 -41.95
N ASN A 467 -7.51 12.20 -41.13
CA ASN A 467 -6.30 12.95 -41.47
C ASN A 467 -5.25 12.16 -42.24
N ARG A 468 -5.56 10.91 -42.58
CA ARG A 468 -4.65 10.02 -43.28
C ARG A 468 -3.29 9.94 -42.64
N LEU A 469 -3.24 9.86 -41.30
CA LEU A 469 -1.94 9.92 -40.68
C LEU A 469 -1.11 8.67 -40.97
N SER A 470 -1.74 7.61 -41.49
CA SER A 470 -0.98 6.40 -41.81
C SER A 470 0.00 6.66 -42.96
N GLU A 471 -0.28 7.72 -43.71
CA GLU A 471 0.50 8.10 -44.87
C GLU A 471 1.55 9.16 -44.53
N TRP A 472 1.57 9.57 -43.26
CA TRP A 472 2.58 10.46 -42.72
C TRP A 472 3.51 9.75 -41.71
N GLY A 473 3.51 8.42 -41.75
CA GLY A 473 4.52 7.63 -41.08
C GLY A 473 4.10 7.16 -39.69
N VAL A 474 2.82 7.29 -39.36
CA VAL A 474 2.33 6.83 -38.03
C VAL A 474 1.61 5.51 -38.25
N ARG A 475 2.16 4.43 -37.71
CA ARG A 475 1.54 3.10 -37.86
C ARG A 475 0.40 2.94 -36.86
N ARG A 476 -0.53 2.04 -37.15
CA ARG A 476 -1.64 1.77 -36.26
C ARG A 476 -1.17 1.34 -34.88
N SER A 477 -0.13 0.49 -34.82
CA SER A 477 0.40 0.07 -33.52
C SER A 477 0.88 1.25 -32.72
N GLU A 478 1.48 2.27 -33.34
CA GLU A 478 1.97 3.42 -32.65
C GLU A 478 0.80 4.28 -32.16
N LEU A 479 -0.26 4.37 -32.97
CA LEU A 479 -1.45 5.14 -32.58
C LEU A 479 -1.99 4.61 -31.23
N LEU A 480 -2.08 3.29 -31.13
CA LEU A 480 -2.64 2.67 -29.90
C LEU A 480 -1.68 2.95 -28.74
N GLU A 481 -0.38 2.80 -28.95
CA GLU A 481 0.59 3.09 -27.86
C GLU A 481 0.47 4.52 -27.35
N CYS A 482 0.36 5.50 -28.26
CA CYS A 482 0.27 6.91 -27.87
C CYS A 482 -0.99 7.16 -27.06
N TYR A 483 -2.12 6.62 -27.50
CA TYR A 483 -3.37 6.78 -26.74
C TYR A 483 -3.25 6.11 -25.36
N TYR A 484 -2.74 4.88 -25.35
CA TYR A 484 -2.60 4.14 -24.10
C TYR A 484 -1.75 4.84 -23.05
N LEU A 485 -0.59 5.37 -23.47
CA LEU A 485 0.32 5.96 -22.44
C LEU A 485 -0.37 7.18 -21.80
N ALA A 486 -1.10 7.94 -22.60
CA ALA A 486 -1.82 9.08 -22.08
C ALA A 486 -2.98 8.66 -21.21
N ALA A 487 -3.79 7.72 -21.65
CA ALA A 487 -4.96 7.29 -20.89
C ALA A 487 -4.61 6.55 -19.62
N ALA A 488 -3.50 5.81 -19.65
CA ALA A 488 -3.15 5.06 -18.43
C ALA A 488 -2.58 6.01 -17.38
N THR A 489 -2.27 7.23 -17.78
CA THR A 489 -1.67 8.24 -16.87
C THR A 489 -2.72 9.22 -16.42
N ILE A 490 -3.29 9.93 -17.40
CA ILE A 490 -4.31 10.89 -17.12
C ILE A 490 -5.64 10.23 -17.47
N PHE A 491 -6.26 9.58 -16.48
CA PHE A 491 -7.31 8.60 -16.76
C PHE A 491 -8.70 9.07 -16.35
N GLU A 492 -8.76 10.17 -15.58
CA GLU A 492 -10.04 10.56 -15.01
C GLU A 492 -11.05 10.99 -16.08
N SER A 493 -12.32 10.64 -15.91
CA SER A 493 -13.30 10.99 -16.94
C SER A 493 -13.34 12.51 -17.15
N GLU A 494 -13.09 13.29 -16.10
CA GLU A 494 -13.16 14.76 -16.26
C GLU A 494 -11.90 15.41 -16.81
N ARG A 495 -10.88 14.63 -17.17
CA ARG A 495 -9.65 15.19 -17.70
C ARG A 495 -9.45 14.78 -19.15
N SER A 496 -10.55 14.61 -19.88
CA SER A 496 -10.47 14.17 -21.26
C SER A 496 -9.66 15.13 -22.16
N HIS A 497 -9.80 16.43 -21.91
CA HIS A 497 -9.05 17.38 -22.74
C HIS A 497 -7.55 17.22 -22.59
N GLU A 498 -7.07 16.97 -21.36
CA GLU A 498 -5.64 16.80 -21.16
C GLU A 498 -5.16 15.49 -21.76
N ARG A 499 -5.95 14.44 -21.53
CA ARG A 499 -5.58 13.15 -22.07
C ARG A 499 -5.49 13.17 -23.61
N MET A 500 -6.47 13.82 -24.23
CA MET A 500 -6.54 13.83 -25.69
C MET A 500 -5.52 14.78 -26.34
N VAL A 501 -5.18 15.88 -25.67
CA VAL A 501 -4.16 16.75 -26.26
C VAL A 501 -2.79 16.05 -26.23
N TRP A 502 -2.52 15.29 -25.16
CA TRP A 502 -1.25 14.58 -25.08
C TRP A 502 -1.23 13.52 -26.20
N ALA A 503 -2.26 12.70 -26.27
CA ALA A 503 -2.26 11.66 -27.30
C ALA A 503 -2.15 12.19 -28.73
N LYS A 504 -2.93 13.23 -29.04
CA LYS A 504 -2.88 13.78 -30.37
C LYS A 504 -1.54 14.49 -30.65
N SER A 505 -1.03 15.22 -29.67
CA SER A 505 0.27 15.86 -29.84
C SER A 505 1.39 14.87 -30.07
N SER A 506 1.38 13.77 -29.32
CA SER A 506 2.46 12.81 -29.46
C SER A 506 2.40 12.19 -30.87
N VAL A 507 1.20 11.97 -31.39
CA VAL A 507 1.06 11.41 -32.73
C VAL A 507 1.53 12.42 -33.77
N LEU A 508 1.15 13.67 -33.61
CA LEU A 508 1.58 14.65 -34.61
C LEU A 508 3.11 14.87 -34.60
N VAL A 509 3.75 14.81 -33.43
CA VAL A 509 5.21 14.92 -33.40
C VAL A 509 5.85 13.79 -34.19
N LYS A 510 5.32 12.58 -34.03
CA LYS A 510 5.82 11.41 -34.75
C LYS A 510 5.63 11.59 -36.26
N ALA A 511 4.49 12.14 -36.67
CA ALA A 511 4.20 12.31 -38.12
C ALA A 511 5.13 13.34 -38.70
N ILE A 512 5.26 14.45 -38.00
CA ILE A 512 6.15 15.52 -38.46
C ILE A 512 7.60 15.06 -38.53
N SER A 513 8.04 14.34 -37.50
CA SER A 513 9.41 13.85 -37.46
C SER A 513 9.66 12.80 -38.52
N SER A 514 8.70 11.90 -38.70
CA SER A 514 8.84 10.84 -39.68
C SER A 514 8.85 11.44 -41.09
N SER A 515 8.04 12.46 -41.29
CA SER A 515 7.77 12.99 -42.63
C SER A 515 8.70 14.14 -43.08
N PHE A 516 9.26 14.88 -42.13
CA PHE A 516 10.06 16.07 -42.48
C PHE A 516 11.35 16.22 -41.67
N GLY A 517 11.65 15.26 -40.82
CA GLY A 517 12.79 15.37 -39.94
C GLY A 517 14.14 14.95 -40.53
N GLU A 518 14.15 14.47 -41.77
CA GLU A 518 15.37 13.90 -42.34
C GLU A 518 16.56 14.87 -42.49
N SER A 519 16.30 16.12 -42.85
CA SER A 519 17.38 17.08 -43.04
C SER A 519 16.96 18.47 -42.64
N SER A 520 17.93 19.38 -42.57
CA SER A 520 17.67 20.75 -42.18
C SER A 520 16.74 21.45 -43.16
N ASP A 521 16.87 21.12 -44.44
CA ASP A 521 15.99 21.70 -45.45
C ASP A 521 14.55 21.22 -45.25
N SER A 522 14.37 19.90 -45.15
CA SER A 522 13.03 19.34 -44.92
C SER A 522 12.35 19.93 -43.69
N ARG A 523 13.12 20.15 -42.62
CA ARG A 523 12.57 20.73 -41.39
C ARG A 523 12.17 22.19 -41.55
N ARG A 524 13.05 22.98 -42.19
CA ARG A 524 12.74 24.37 -42.47
C ARG A 524 11.49 24.43 -43.33
N SER A 525 11.43 23.54 -44.31
CA SER A 525 10.28 23.47 -45.20
C SER A 525 9.02 23.35 -44.38
N PHE A 526 9.02 22.42 -43.43
CA PHE A 526 7.81 22.24 -42.65
C PHE A 526 7.52 23.46 -41.77
N SER A 527 8.55 23.95 -41.10
CA SER A 527 8.39 25.05 -40.16
C SER A 527 7.85 26.30 -40.86
N ASP A 528 8.34 26.53 -42.07
CA ASP A 528 7.90 27.68 -42.85
C ASP A 528 6.40 27.55 -43.15
N GLN A 529 6.02 26.38 -43.68
CA GLN A 529 4.62 26.10 -44.01
C GLN A 529 3.70 26.24 -42.80
N PHE A 530 4.20 25.89 -41.62
CA PHE A 530 3.40 26.07 -40.41
C PHE A 530 3.03 27.52 -40.23
N HIS A 531 4.03 28.39 -40.20
CA HIS A 531 3.80 29.84 -40.10
C HIS A 531 3.06 30.39 -41.34
N GLU A 532 3.49 29.96 -42.53
CA GLU A 532 2.81 30.36 -43.77
C GLU A 532 1.35 29.91 -43.85
N TYR A 533 1.00 28.82 -43.18
CA TYR A 533 -0.37 28.29 -43.19
C TYR A 533 -1.23 28.95 -42.11
N SER A 556 6.84 21.25 -50.95
CA SER A 556 6.25 22.29 -50.12
C SER A 556 4.75 22.13 -50.02
N VAL A 557 4.15 21.54 -51.06
CA VAL A 557 2.73 21.26 -51.04
C VAL A 557 2.45 20.22 -49.95
N GLN A 558 3.35 19.23 -49.86
CA GLN A 558 3.24 18.15 -48.89
C GLN A 558 3.31 18.69 -47.47
N ALA A 559 4.32 19.52 -47.22
CA ALA A 559 4.50 20.14 -45.91
C ALA A 559 3.28 20.96 -45.55
N SER A 560 2.68 21.62 -46.53
CA SER A 560 1.49 22.40 -46.23
C SER A 560 0.30 21.51 -45.82
N ARG A 561 0.26 20.30 -46.35
CA ARG A 561 -0.84 19.41 -46.07
C ARG A 561 -0.73 18.93 -44.60
N LEU A 562 0.44 18.44 -44.24
CA LEU A 562 0.63 17.96 -42.85
C LEU A 562 0.52 19.14 -41.91
N ALA A 563 0.99 20.31 -42.36
CA ALA A 563 0.83 21.49 -41.52
C ALA A 563 -0.63 21.82 -41.24
N GLY A 564 -1.47 21.67 -42.25
CA GLY A 564 -2.89 21.88 -42.06
C GLY A 564 -3.53 20.87 -41.11
N VAL A 565 -2.98 19.65 -41.09
CA VAL A 565 -3.47 18.65 -40.13
C VAL A 565 -3.20 19.12 -38.72
N LEU A 566 -1.96 19.55 -38.49
CA LEU A 566 -1.58 20.06 -37.19
C LEU A 566 -2.41 21.27 -36.79
N ILE A 567 -2.56 22.23 -37.72
CA ILE A 567 -3.36 23.40 -37.42
C ILE A 567 -4.83 23.10 -37.21
N GLY A 568 -5.41 22.25 -38.04
CA GLY A 568 -6.80 21.89 -37.84
C GLY A 568 -7.03 21.26 -36.48
N THR A 569 -6.08 20.44 -36.06
CA THR A 569 -6.22 19.72 -34.79
C THR A 569 -6.12 20.72 -33.60
N LEU A 570 -5.15 21.60 -33.63
CA LEU A 570 -5.06 22.62 -32.57
C LEU A 570 -6.33 23.47 -32.48
N ASN A 571 -6.84 23.90 -33.62
CA ASN A 571 -8.09 24.65 -33.60
C ASN A 571 -9.29 23.91 -33.02
N GLN A 572 -9.43 22.62 -33.35
CA GLN A 572 -10.53 21.85 -32.83
C GLN A 572 -10.35 21.71 -31.32
N MET A 573 -9.11 21.49 -30.87
CA MET A 573 -8.95 21.29 -29.44
C MET A 573 -9.26 22.54 -28.63
N SER A 574 -8.84 23.70 -29.12
CA SER A 574 -9.10 24.96 -28.43
C SER A 574 -10.57 25.34 -28.53
N PHE A 575 -11.22 25.04 -29.65
CA PHE A 575 -12.63 25.35 -29.76
C PHE A 575 -13.41 24.52 -28.74
N ASP A 576 -13.10 23.22 -28.67
CA ASP A 576 -13.81 22.33 -27.77
C ASP A 576 -13.63 22.74 -26.31
N LEU A 577 -12.43 23.18 -25.96
CA LEU A 577 -12.21 23.59 -24.58
C LEU A 577 -13.00 24.88 -24.30
N PHE A 578 -13.02 25.79 -25.27
CA PHE A 578 -13.80 27.02 -25.14
C PHE A 578 -15.29 26.76 -24.98
N MET A 579 -15.87 25.89 -25.79
CA MET A 579 -17.30 25.57 -25.66
C MET A 579 -17.62 24.85 -24.38
N SER A 580 -16.68 24.06 -23.87
CA SER A 580 -16.98 23.30 -22.68
C SER A 580 -16.64 24.05 -21.40
N HIS A 581 -15.54 24.79 -21.38
CA HIS A 581 -15.09 25.40 -20.13
C HIS A 581 -14.91 26.91 -20.18
N GLY A 582 -15.07 27.50 -21.35
CA GLY A 582 -14.97 28.95 -21.48
C GLY A 582 -13.55 29.48 -21.58
N ARG A 583 -12.56 28.60 -21.48
CA ARG A 583 -11.17 29.03 -21.54
C ARG A 583 -10.65 29.11 -22.98
N ASP A 584 -10.03 30.24 -23.35
CA ASP A 584 -9.44 30.40 -24.69
C ASP A 584 -7.91 30.27 -24.63
N VAL A 585 -7.38 29.17 -25.17
CA VAL A 585 -5.95 28.91 -25.09
C VAL A 585 -5.29 28.93 -26.46
N ASN A 586 -6.01 29.38 -27.48
CA ASN A 586 -5.50 29.27 -28.84
C ASN A 586 -4.08 29.82 -28.98
N ASN A 587 -3.86 31.06 -28.56
CA ASN A 587 -2.55 31.68 -28.75
C ASN A 587 -1.45 30.94 -28.01
N LEU A 588 -1.78 30.44 -26.83
CA LEU A 588 -0.86 29.64 -26.04
C LEU A 588 -0.47 28.37 -26.75
N LEU A 589 -1.45 27.70 -27.34
CA LEU A 589 -1.19 26.50 -28.12
C LEU A 589 -0.16 26.75 -29.19
N TYR A 590 -0.37 27.79 -29.99
CA TYR A 590 0.52 28.07 -31.11
C TYR A 590 1.93 28.49 -30.70
N LEU A 591 2.02 29.29 -29.66
CA LEU A 591 3.33 29.65 -29.10
C LEU A 591 4.15 28.42 -28.73
N SER A 592 3.52 27.46 -28.05
CA SER A 592 4.27 26.29 -27.59
C SER A 592 4.74 25.39 -28.72
N TRP A 593 3.89 25.18 -29.72
CA TRP A 593 4.28 24.41 -30.88
C TRP A 593 5.37 25.15 -31.68
N GLY A 594 5.27 26.47 -31.74
CA GLY A 594 6.28 27.27 -32.39
C GLY A 594 7.66 27.07 -31.79
N ASP A 595 7.71 27.10 -30.45
CA ASP A 595 8.97 26.90 -29.72
C ASP A 595 9.58 25.54 -29.98
N TRP A 596 8.73 24.52 -29.98
CA TRP A 596 9.22 23.18 -30.24
C TRP A 596 9.79 23.10 -31.66
N MET A 597 9.08 23.71 -32.60
CA MET A 597 9.48 23.65 -34.00
C MET A 597 10.83 24.36 -34.23
N GLU A 598 11.04 25.49 -33.59
CA GLU A 598 12.36 26.17 -33.71
C GLU A 598 13.55 25.26 -33.39
N LYS A 599 13.45 24.52 -32.29
CA LYS A 599 14.53 23.71 -31.81
C LYS A 599 14.68 22.46 -32.66
N TRP A 600 13.56 21.88 -33.06
CA TRP A 600 13.57 20.71 -33.93
C TRP A 600 14.23 20.99 -35.29
N LYS A 601 13.93 22.14 -35.89
CA LYS A 601 14.51 22.43 -37.21
C LYS A 601 16.04 22.51 -37.14
N LEU A 602 16.55 23.26 -36.17
CA LEU A 602 17.99 23.29 -35.92
C LEU A 602 18.62 21.92 -35.72
N TYR A 603 18.16 21.19 -34.70
CA TYR A 603 18.87 20.00 -34.22
C TYR A 603 18.18 18.67 -34.55
N GLY A 607 12.59 18.42 -28.34
CA GLY A 607 12.15 18.56 -26.95
C GLY A 607 10.68 18.21 -26.71
N GLU A 608 10.31 16.97 -27.03
CA GLU A 608 8.91 16.52 -26.94
C GLU A 608 8.35 16.46 -25.53
N GLY A 609 9.15 16.06 -24.56
CA GLY A 609 8.70 16.01 -23.16
C GLY A 609 8.16 17.34 -22.69
N GLU A 610 8.90 18.41 -22.96
CA GLU A 610 8.39 19.69 -22.51
C GLU A 610 7.12 20.16 -23.27
N LEU A 611 7.06 19.86 -24.56
CA LEU A 611 5.88 20.21 -25.35
C LEU A 611 4.63 19.51 -24.77
N MET A 612 4.75 18.21 -24.47
CA MET A 612 3.60 17.49 -23.91
C MET A 612 3.18 18.08 -22.56
N VAL A 613 4.17 18.42 -21.74
CA VAL A 613 3.83 19.01 -20.45
C VAL A 613 3.07 20.31 -20.62
N LYS A 614 3.56 21.17 -21.49
CA LYS A 614 2.82 22.41 -21.74
C LYS A 614 1.41 22.18 -22.30
N MET A 615 1.31 21.21 -23.22
CA MET A 615 -0.01 20.92 -23.78
C MET A 615 -0.96 20.52 -22.66
N ILE A 616 -0.50 19.63 -21.78
CA ILE A 616 -1.38 19.14 -20.73
C ILE A 616 -1.83 20.29 -19.84
N ILE A 617 -0.87 21.14 -19.47
CA ILE A 617 -1.15 22.26 -18.58
C ILE A 617 -2.15 23.21 -19.22
N LEU A 618 -1.97 23.46 -20.51
CA LEU A 618 -2.90 24.32 -21.26
C LEU A 618 -4.35 23.87 -21.26
N MET A 619 -4.58 22.57 -21.14
CA MET A 619 -5.91 22.01 -21.29
C MET A 619 -6.56 21.79 -19.95
N LYS A 620 -5.84 22.15 -18.90
CA LYS A 620 -6.38 22.08 -17.53
C LYS A 620 -7.50 23.10 -17.34
N ASN A 621 -8.49 22.75 -16.52
CA ASN A 621 -9.67 23.61 -16.32
C ASN A 621 -9.40 24.84 -15.45
N ASN A 622 -8.13 25.22 -15.35
CA ASN A 622 -7.74 26.38 -14.58
C ASN A 622 -6.53 26.97 -15.29
N ASP A 623 -5.98 28.05 -14.75
CA ASP A 623 -4.85 28.69 -15.41
C ASP A 623 -3.54 28.55 -14.64
N LEU A 624 -2.74 27.57 -15.04
CA LEU A 624 -1.46 27.36 -14.41
C LEU A 624 -0.35 27.79 -15.34
N THR A 625 -0.71 28.37 -16.50
CA THR A 625 0.30 28.75 -17.50
C THR A 625 1.16 29.92 -17.06
N ASN A 626 0.69 30.64 -16.04
CA ASN A 626 1.50 31.69 -15.45
C ASN A 626 2.84 31.14 -14.93
N PHE A 627 2.91 29.84 -14.69
CA PHE A 627 4.14 29.21 -14.19
C PHE A 627 5.16 28.86 -15.28
N PHE A 628 4.80 28.97 -16.57
CA PHE A 628 5.76 28.58 -17.61
C PHE A 628 7.05 29.40 -17.50
N THR A 629 6.93 30.59 -16.91
CA THR A 629 8.05 31.52 -16.76
C THR A 629 8.83 31.30 -15.46
N HIS A 630 8.18 30.67 -14.49
CA HIS A 630 8.77 30.45 -13.17
C HIS A 630 10.07 29.65 -13.24
N THR A 631 11.01 29.94 -12.34
CA THR A 631 12.32 29.27 -12.36
C THR A 631 12.18 27.76 -12.15
N HIS A 632 11.20 27.37 -11.35
CA HIS A 632 11.00 25.96 -11.05
C HIS A 632 10.52 25.19 -12.30
N PHE A 633 9.72 25.86 -13.12
CA PHE A 633 9.29 25.26 -14.39
C PHE A 633 10.50 25.02 -15.30
N VAL A 634 11.26 26.08 -15.54
CA VAL A 634 12.44 25.97 -16.39
C VAL A 634 13.39 24.87 -15.96
N ARG A 635 13.59 24.72 -14.65
CA ARG A 635 14.46 23.67 -14.11
C ARG A 635 13.94 22.25 -14.48
N LEU A 636 12.63 22.08 -14.34
CA LEU A 636 12.00 20.80 -14.59
C LEU A 636 12.04 20.47 -16.07
N ALA A 637 11.83 21.50 -16.87
CA ALA A 637 11.89 21.37 -18.34
C ALA A 637 13.28 20.94 -18.78
N GLU A 638 14.31 21.52 -18.18
CA GLU A 638 15.66 21.08 -18.48
C GLU A 638 15.81 19.58 -18.20
N ILE A 639 15.29 19.12 -17.06
CA ILE A 639 15.49 17.72 -16.73
C ILE A 639 14.67 16.79 -17.64
N ILE A 640 13.44 17.18 -17.94
CA ILE A 640 12.59 16.27 -18.73
C ILE A 640 13.14 16.08 -20.12
N ASN A 641 13.72 17.13 -20.69
CA ASN A 641 14.32 16.97 -22.01
C ASN A 641 15.53 16.04 -22.03
N ARG A 642 16.11 15.78 -20.86
CA ARG A 642 17.16 14.76 -20.77
C ARG A 642 16.63 13.32 -20.60
N ILE A 643 15.37 13.19 -20.15
CA ILE A 643 14.77 11.89 -19.97
C ILE A 643 14.11 11.44 -21.26
N CYS A 644 13.37 12.36 -21.87
CA CYS A 644 12.62 12.04 -23.08
C CYS A 644 13.52 12.11 -24.31
N LEU A 645 14.37 11.11 -24.45
CA LEU A 645 15.37 11.07 -25.51
C LEU A 645 14.74 10.84 -26.88
N PRO A 646 15.45 11.26 -27.94
CA PRO A 646 14.98 11.09 -29.32
C PRO A 646 14.62 9.63 -29.62
N LYS A 658 21.54 -0.06 -24.04
CA LYS A 658 20.20 0.36 -23.63
C LYS A 658 20.13 0.46 -22.11
N GLU A 659 20.67 -0.54 -21.43
CA GLU A 659 20.83 -0.47 -19.97
C GLU A 659 21.45 0.85 -19.56
N LYS A 660 22.47 1.29 -20.29
CA LYS A 660 23.12 2.56 -20.01
C LYS A 660 22.13 3.71 -20.15
N THR A 661 21.31 3.65 -21.20
CA THR A 661 20.31 4.70 -21.44
C THR A 661 19.26 4.73 -20.33
N ILE A 662 18.82 3.56 -19.92
CA ILE A 662 17.83 3.42 -18.86
C ILE A 662 18.40 3.97 -17.54
N LYS A 663 19.67 3.66 -17.24
CA LYS A 663 20.30 4.12 -15.99
C LYS A 663 20.49 5.64 -16.00
N SER A 664 20.82 6.18 -17.17
CA SER A 664 20.93 7.61 -17.33
C SER A 664 19.59 8.30 -17.08
N MET A 665 18.51 7.68 -17.57
CA MET A 665 17.19 8.24 -17.38
C MET A 665 16.77 8.19 -15.93
N GLU A 666 17.12 7.09 -15.25
CA GLU A 666 16.82 6.97 -13.82
C GLU A 666 17.51 8.04 -12.99
N LYS A 667 18.78 8.31 -13.29
CA LYS A 667 19.46 9.35 -12.53
C LYS A 667 18.70 10.67 -12.69
N GLU A 668 18.26 10.98 -13.91
CA GLU A 668 17.56 12.22 -14.16
C GLU A 668 16.19 12.19 -13.49
N MET A 669 15.55 11.03 -13.56
CA MET A 669 14.29 10.78 -12.83
C MET A 669 14.44 11.09 -11.33
N GLY A 670 15.53 10.62 -10.73
CA GLY A 670 15.81 10.88 -9.31
C GLY A 670 15.80 12.37 -8.96
N LYS A 671 16.38 13.18 -9.85
CA LYS A 671 16.41 14.61 -9.62
C LYS A 671 15.06 15.23 -9.79
N MET A 672 14.30 14.75 -10.77
CA MET A 672 12.97 15.26 -10.95
C MET A 672 12.10 14.96 -9.75
N VAL A 673 12.22 13.74 -9.27
CA VAL A 673 11.41 13.34 -8.12
C VAL A 673 11.69 14.25 -6.92
N GLU A 674 12.97 14.44 -6.60
CA GLU A 674 13.29 15.33 -5.50
C GLU A 674 12.73 16.76 -5.68
N LEU A 675 12.85 17.31 -6.88
CA LEU A 675 12.32 18.63 -7.16
C LEU A 675 10.79 18.69 -7.04
N ALA A 676 10.13 17.73 -7.68
CA ALA A 676 8.66 17.67 -7.76
C ALA A 676 8.04 17.48 -6.39
N LEU A 677 8.55 16.50 -5.65
CA LEU A 677 8.03 16.18 -4.31
C LEU A 677 8.28 17.33 -3.32
N SER A 678 9.23 18.20 -3.62
CA SER A 678 9.49 19.34 -2.74
C SER A 678 8.74 20.61 -3.16
N GLU A 679 7.54 20.46 -3.71
CA GLU A 679 6.89 21.62 -4.35
C GLU A 679 5.75 22.30 -3.59
N SER A 680 5.66 23.62 -3.78
CA SER A 680 4.56 24.43 -3.30
C SER A 680 3.22 23.86 -3.76
N ASP A 681 2.16 24.12 -3.00
CA ASP A 681 0.87 23.52 -3.27
C ASP A 681 0.22 23.98 -4.60
N THR A 682 0.30 25.25 -4.94
CA THR A 682 -0.33 25.70 -6.18
C THR A 682 0.43 25.13 -7.37
N PHE A 683 1.75 25.05 -7.22
CA PHE A 683 2.65 24.59 -8.28
C PHE A 683 2.69 23.06 -8.38
N ARG A 684 2.12 22.40 -7.37
CA ARG A 684 2.05 20.94 -7.29
C ARG A 684 1.53 20.30 -8.58
N ASP A 685 0.44 20.84 -9.12
CA ASP A 685 -0.16 20.29 -10.34
C ASP A 685 0.84 20.30 -11.48
N VAL A 686 1.70 21.31 -11.52
CA VAL A 686 2.63 21.40 -12.61
C VAL A 686 3.72 20.36 -12.44
N SER A 687 4.29 20.31 -11.24
CA SER A 687 5.36 19.35 -10.99
C SER A 687 4.87 17.91 -11.23
N ILE A 688 3.63 17.62 -10.83
CA ILE A 688 2.99 16.31 -11.05
C ILE A 688 2.94 16.00 -12.54
N THR A 689 2.67 17.02 -13.35
CA THR A 689 2.60 16.80 -14.78
C THR A 689 3.95 16.40 -15.38
N PHE A 690 5.03 17.04 -14.94
CA PHE A 690 6.34 16.65 -15.41
C PHE A 690 6.60 15.19 -15.06
N LEU A 691 6.28 14.83 -13.83
CA LEU A 691 6.56 13.47 -13.38
C LEU A 691 5.70 12.48 -14.21
N ASP A 692 4.45 12.84 -14.46
CA ASP A 692 3.57 12.02 -15.33
C ASP A 692 4.13 11.70 -16.70
N VAL A 693 4.50 12.76 -17.43
CA VAL A 693 5.09 12.58 -18.73
C VAL A 693 6.38 11.74 -18.65
N ALA A 694 7.24 12.04 -17.67
CA ALA A 694 8.49 11.33 -17.59
C ALA A 694 8.31 9.85 -17.35
N LYS A 695 7.41 9.49 -16.43
CA LYS A 695 7.15 8.10 -16.15
C LYS A 695 6.60 7.35 -17.37
N ALA A 696 5.77 8.03 -18.17
CA ALA A 696 5.26 7.39 -19.38
C ALA A 696 6.40 7.07 -20.31
N PHE A 697 7.37 7.99 -20.42
CA PHE A 697 8.53 7.72 -21.26
C PHE A 697 9.40 6.61 -20.73
N TYR A 698 9.63 6.61 -19.41
CA TYR A 698 10.43 5.57 -18.82
C TYR A 698 9.79 4.18 -18.98
N TYR A 699 8.49 4.10 -18.72
CA TYR A 699 7.76 2.84 -18.92
C TYR A 699 7.88 2.38 -20.36
N PHE A 700 7.73 3.28 -21.30
CA PHE A 700 7.84 2.86 -22.69
C PHE A 700 9.25 2.36 -23.03
N ALA A 701 10.24 3.05 -22.52
CA ALA A 701 11.64 2.66 -22.76
C ALA A 701 11.91 1.29 -22.15
N LEU A 702 11.34 1.04 -20.98
CA LEU A 702 11.60 -0.21 -20.32
C LEU A 702 10.76 -1.36 -20.87
N CYS A 703 9.50 -1.09 -21.21
CA CYS A 703 8.55 -2.17 -21.46
C CYS A 703 7.95 -2.16 -22.85
N GLY A 704 8.36 -1.20 -23.68
CA GLY A 704 7.60 -0.88 -24.87
C GLY A 704 7.67 -1.94 -25.95
N ASP A 705 8.62 -2.88 -25.82
CA ASP A 705 8.73 -4.01 -26.77
C ASP A 705 7.61 -5.03 -26.59
N HIS A 706 6.93 -5.02 -25.45
CA HIS A 706 5.95 -6.06 -25.17
C HIS A 706 4.83 -5.57 -24.25
N LEU A 707 4.06 -4.61 -24.76
CA LEU A 707 2.96 -4.00 -23.99
C LEU A 707 1.58 -4.63 -24.19
N GLN A 708 1.45 -5.64 -25.04
CA GLN A 708 0.10 -6.00 -25.50
C GLN A 708 -0.87 -6.45 -24.40
N THR A 709 -0.40 -7.25 -23.45
CA THR A 709 -1.30 -7.70 -22.40
C THR A 709 -1.66 -6.51 -21.49
N HIS A 710 -0.69 -5.65 -21.19
CA HIS A 710 -1.01 -4.46 -20.37
C HIS A 710 -2.06 -3.60 -21.04
N ILE A 711 -1.90 -3.32 -22.34
CA ILE A 711 -2.84 -2.45 -23.06
C ILE A 711 -4.21 -3.10 -23.03
N SER A 712 -4.26 -4.42 -23.31
CA SER A 712 -5.56 -5.11 -23.31
C SER A 712 -6.27 -5.04 -21.94
N LYS A 713 -5.55 -5.35 -20.86
CA LYS A 713 -6.15 -5.34 -19.52
C LYS A 713 -6.57 -3.92 -19.16
N VAL A 714 -5.74 -2.94 -19.47
CA VAL A 714 -6.03 -1.58 -19.00
C VAL A 714 -7.17 -0.94 -19.74
N LEU A 715 -7.20 -1.12 -21.06
CA LEU A 715 -8.19 -0.41 -21.88
C LEU A 715 -9.36 -1.25 -22.33
N PHE A 716 -9.18 -2.55 -22.47
CA PHE A 716 -10.25 -3.33 -23.15
C PHE A 716 -10.82 -4.48 -22.35
N GLN A 717 -10.32 -4.78 -21.15
CA GLN A 717 -10.94 -5.84 -20.37
C GLN A 717 -11.53 -5.23 -19.11
N LYS A 718 -12.86 -5.33 -18.96
CA LYS A 718 -13.49 -4.81 -17.74
C LYS A 718 -12.98 -5.56 -16.51
N VAL A 719 -12.97 -4.89 -15.38
CA VAL A 719 -12.71 -5.55 -14.12
C VAL A 719 -14.00 -6.27 -13.67
N GLY A 720 -13.80 -7.40 -13.01
CA GLY A 720 -14.90 -8.11 -12.36
C GLY A 720 -15.65 -9.01 -13.32
C01 AG8 B . 8.66 -13.24 15.26
C02 AG8 B . 8.30 -12.66 16.59
C03 AG8 B . 8.01 -11.36 16.66
C04 AG8 B . 7.64 -10.72 17.95
C05 AG8 B . 6.16 -10.79 18.22
C06 AG8 B . 5.31 -9.93 17.29
C07 AG8 B . 4.97 -8.65 17.48
C08 AG8 B . 4.08 -7.96 16.49
C09 AG8 B . 2.65 -7.62 17.06
C10 AG8 B . 1.96 -6.74 16.05
C11 AG8 B . 1.02 -7.03 15.11
C12 AG8 B . 0.62 -5.94 14.17
C13 AG8 B . 1.42 -6.17 12.86
C14 AG8 B . 1.00 -5.05 11.94
N15 AG8 B . 1.90 -5.15 10.75
C16 AG8 B . 8.06 -10.55 15.43
C17 AG8 B . 5.49 -7.83 18.61
C18 AG8 B . 0.45 -8.44 15.02
C19 AG8 B . 1.59 -3.97 9.87
C20 AG8 B . 1.49 -6.28 9.90
S21 AG8 B . 10.05 -14.40 15.41
P22 AG8 B . 9.92 -16.50 15.02
O23 AG8 B . 8.38 -17.03 15.14
P24 AG8 B . 7.61 -17.11 16.58
O25 AG8 B . 6.29 -17.87 16.47
O26 AG8 B . 10.78 -17.23 16.04
O27 AG8 B . 10.44 -16.76 13.65
O28 AG8 B . 8.59 -17.72 17.55
O29 AG8 B . 7.35 -15.74 17.12
P PO4 C . -15.56 17.90 -20.61
O1 PO4 C . -14.89 16.66 -21.16
O2 PO4 C . -14.81 18.39 -19.38
O3 PO4 C . -15.55 18.95 -21.69
O4 PO4 C . -16.99 17.58 -20.27
C1 GOL D . -10.46 -37.52 24.26
O1 GOL D . -11.75 -37.37 24.79
C2 GOL D . -9.76 -38.59 25.07
O2 GOL D . -8.94 -39.33 24.21
C3 GOL D . -8.87 -37.94 26.11
O3 GOL D . -8.82 -38.60 27.34
#